data_5X7M
#
_entry.id   5X7M
#
_cell.length_a   114.650
_cell.length_b   92.013
_cell.length_c   94.753
_cell.angle_alpha   90.000
_cell.angle_beta   90.000
_cell.angle_gamma   90.000
#
_symmetry.space_group_name_H-M   'P 21 21 2'
#
loop_
_entity.id
_entity.type
_entity.pdbx_description
1 polymer 'Diaminopimelate decarboxylase'
2 non-polymer "PYRIDOXAL-5'-PHOSPHATE"
3 water water
#
_entity_poly.entity_id   1
_entity_poly.type   'polypeptide(L)'
_entity_poly.pdbx_seq_one_letter_code
;MATVENFNELPAHVWPRNAVRQEDGVVTVAGVPLPDLAEEYGTPLFVVDEDDFRSRCRDMATAFGGPGNVHYASKAFLTK
TIARWVDEEGLALDIASINELGIALAAGFPASRITAHGNNKGVEFLRALVQNGVGHVVLDSAQELELLDYVAAGEGKIQD
VLIRVKPGIEAHTHEFIATSHEDQKFGFSLASGSAFEAAKAANNAENLNLVGLHCHVGSQVFDAEGFKLAAERVLGLYSQ
IHSELGVALPELDLGGGYGIAYTAAEEPLNVAEVASDLLTAVGKMAAELGIDAPTVLVEPGRAIAGPSTVTIYEVGTTKD
VHVDDDKTRRYIAVDGGMSDNIRPALYGSEYDARVVSRFAEGDPVSTRIVGSHCESGDILINDEIYPSDITSGDFLALAA
TGAYCYAMSSRYNAFTRPAVVSVRAGSSRLMLRRETLDDILSLEALEHHHHHH
;
_entity_poly.pdbx_strand_id   A,B
#
# COMPACT_ATOMS: atom_id res chain seq x y z
N THR A 3 -0.13 32.80 -2.00
CA THR A 3 0.46 33.70 -3.04
C THR A 3 1.66 33.03 -3.74
N VAL A 4 2.11 33.63 -4.83
CA VAL A 4 3.25 33.13 -5.66
C VAL A 4 4.59 33.27 -4.91
N GLU A 5 4.67 34.27 -4.03
CA GLU A 5 5.89 34.53 -3.27
C GLU A 5 6.11 33.43 -2.23
N ASN A 6 5.04 33.06 -1.53
CA ASN A 6 5.07 31.92 -0.60
C ASN A 6 5.45 30.57 -1.22
N PHE A 7 4.93 30.27 -2.41
CA PHE A 7 5.28 29.05 -3.13
C PHE A 7 6.75 28.95 -3.49
N ASN A 8 7.37 30.08 -3.78
CA ASN A 8 8.78 30.17 -4.17
C ASN A 8 9.78 30.17 -3.02
N GLU A 9 9.30 30.23 -1.80
CA GLU A 9 10.15 29.96 -0.65
C GLU A 9 10.41 28.43 -0.43
N LEU A 10 11.21 28.11 0.59
CA LEU A 10 11.48 26.75 0.98
C LEU A 10 11.44 26.74 2.50
N PRO A 11 10.30 26.35 3.12
CA PRO A 11 10.26 26.35 4.60
C PRO A 11 11.35 25.45 5.19
N ALA A 12 12.32 26.09 5.85
CA ALA A 12 13.53 25.45 6.36
C ALA A 12 13.24 24.33 7.33
N HIS A 13 12.17 24.48 8.13
CA HIS A 13 11.81 23.50 9.16
C HIS A 13 11.18 22.22 8.65
N VAL A 14 10.83 22.22 7.36
CA VAL A 14 10.24 21.06 6.75
C VAL A 14 11.23 20.33 5.89
N TRP A 15 11.97 21.08 5.10
CA TRP A 15 12.81 20.54 4.07
C TRP A 15 14.11 20.08 4.66
N PRO A 16 14.90 19.26 3.94
CA PRO A 16 16.13 18.78 4.53
C PRO A 16 17.03 19.90 5.00
N ARG A 17 17.80 19.66 6.05
CA ARG A 17 18.59 20.71 6.65
C ARG A 17 19.56 21.36 5.70
N ASN A 18 20.12 20.57 4.80
CA ASN A 18 21.01 21.08 3.76
C ASN A 18 20.37 21.44 2.43
N ALA A 19 19.09 21.81 2.45
CA ALA A 19 18.42 22.27 1.22
C ALA A 19 18.47 23.78 1.15
N VAL A 20 18.75 24.30 -0.02
CA VAL A 20 18.73 25.75 -0.24
C VAL A 20 18.02 26.10 -1.57
N ARG A 21 17.24 27.17 -1.56
CA ARG A 21 16.71 27.75 -2.76
C ARG A 21 17.78 28.66 -3.35
N GLN A 22 18.43 28.26 -4.45
CA GLN A 22 19.32 29.19 -5.16
C GLN A 22 18.56 30.42 -5.72
N GLU A 23 19.28 31.36 -6.30
CA GLU A 23 18.67 32.63 -6.71
C GLU A 23 18.16 32.62 -8.17
N ASP A 24 18.41 31.52 -8.86
CA ASP A 24 17.70 31.19 -10.10
C ASP A 24 16.42 30.32 -9.88
N GLY A 25 16.08 29.99 -8.62
CA GLY A 25 14.92 29.12 -8.28
C GLY A 25 15.25 27.63 -8.08
N VAL A 26 16.42 27.19 -8.55
CA VAL A 26 16.80 25.78 -8.45
C VAL A 26 17.03 25.46 -6.96
N VAL A 27 16.55 24.32 -6.49
CA VAL A 27 16.83 23.89 -5.15
C VAL A 27 18.01 22.91 -5.16
N THR A 28 18.95 23.11 -4.21
CA THR A 28 20.14 22.25 -4.04
C THR A 28 19.93 21.53 -2.70
N VAL A 29 20.41 20.29 -2.60
CA VAL A 29 20.51 19.59 -1.34
C VAL A 29 21.98 19.11 -1.22
N ALA A 30 22.64 19.46 -0.12
CA ALA A 30 24.08 19.27 0.07
C ALA A 30 24.90 19.70 -1.17
N GLY A 31 24.54 20.84 -1.75
CA GLY A 31 25.25 21.34 -2.91
C GLY A 31 24.91 20.78 -4.27
N VAL A 32 24.04 19.77 -4.32
CA VAL A 32 23.73 19.12 -5.58
C VAL A 32 22.39 19.66 -6.06
N PRO A 33 22.34 20.22 -7.28
CA PRO A 33 21.04 20.69 -7.75
C PRO A 33 20.10 19.51 -8.03
N LEU A 34 18.88 19.62 -7.49
CA LEU A 34 17.91 18.53 -7.64
C LEU A 34 17.52 18.23 -9.09
N PRO A 35 17.51 19.25 -9.96
CA PRO A 35 17.23 18.91 -11.36
C PRO A 35 18.31 18.06 -11.98
N ASP A 36 19.57 18.22 -11.57
CA ASP A 36 20.67 17.41 -12.13
C ASP A 36 20.54 15.94 -11.73
N LEU A 37 20.10 15.70 -10.51
CA LEU A 37 19.79 14.34 -10.04
C LEU A 37 18.66 13.71 -10.82
N ALA A 38 17.63 14.50 -11.15
CA ALA A 38 16.46 13.99 -11.86
C ALA A 38 16.91 13.55 -13.23
N GLU A 39 17.52 14.48 -13.95
CA GLU A 39 18.13 14.19 -15.24
C GLU A 39 19.19 13.04 -15.17
N GLU A 40 19.98 12.94 -14.10
CA GLU A 40 20.96 11.84 -14.01
C GLU A 40 20.36 10.43 -13.74
N TYR A 41 19.46 10.29 -12.73
CA TYR A 41 18.93 8.99 -12.27
C TYR A 41 17.46 8.70 -12.62
N GLY A 42 16.79 9.57 -13.36
CA GLY A 42 15.38 9.40 -13.67
C GLY A 42 14.43 9.75 -12.53
N THR A 43 13.21 10.15 -12.89
CA THR A 43 12.11 10.34 -11.93
C THR A 43 11.09 9.16 -11.95
N PRO A 44 10.43 8.80 -10.84
CA PRO A 44 10.57 9.52 -9.54
C PRO A 44 11.88 9.20 -8.82
N LEU A 45 12.33 10.12 -7.97
CA LEU A 45 13.59 9.95 -7.24
C LEU A 45 13.48 10.26 -5.75
N PHE A 46 13.88 9.31 -4.90
CA PHE A 46 14.15 9.60 -3.51
C PHE A 46 15.60 10.11 -3.39
N VAL A 47 15.76 11.33 -2.87
CA VAL A 47 17.06 11.94 -2.55
C VAL A 47 17.17 12.10 -1.04
N VAL A 48 18.17 11.41 -0.45
CA VAL A 48 18.44 11.44 1.01
C VAL A 48 19.64 12.34 1.36
N ASP A 49 19.39 13.41 2.11
CA ASP A 49 20.42 14.31 2.69
C ASP A 49 21.11 13.59 3.86
N GLU A 50 22.20 12.90 3.54
CA GLU A 50 22.93 12.14 4.53
C GLU A 50 23.29 12.91 5.83
N ASP A 51 23.81 14.13 5.75
CA ASP A 51 24.14 14.88 6.98
C ASP A 51 22.88 15.23 7.76
N ASP A 52 21.78 15.48 7.05
CA ASP A 52 20.55 15.65 7.75
C ASP A 52 20.27 14.39 8.62
N PHE A 53 20.27 13.22 8.00
CA PHE A 53 19.99 11.97 8.73
C PHE A 53 20.93 11.84 9.93
N ARG A 54 22.22 12.06 9.69
CA ARG A 54 23.19 11.98 10.79
C ARG A 54 22.98 12.99 11.87
N SER A 55 22.66 14.20 11.49
CA SER A 55 22.52 15.26 12.47
C SER A 55 21.29 15.09 13.35
N ARG A 56 20.34 14.27 12.92
CA ARG A 56 19.15 13.96 13.74
C ARG A 56 19.47 12.82 14.69
N CYS A 57 20.31 11.88 14.25
CA CYS A 57 20.89 10.91 15.17
C CYS A 57 21.59 11.66 16.31
N ARG A 58 22.36 12.68 15.94
CA ARG A 58 23.11 13.42 16.95
C ARG A 58 22.22 14.22 17.89
N ASP A 59 21.18 14.87 17.35
CA ASP A 59 20.18 15.60 18.19
C ASP A 59 19.47 14.71 19.21
N MET A 60 19.08 13.51 18.78
CA MET A 60 18.49 12.53 19.67
C MET A 60 19.47 12.04 20.72
N ALA A 61 20.65 11.62 20.26
CA ALA A 61 21.75 11.18 21.16
C ALA A 61 22.11 12.21 22.27
N THR A 62 22.40 13.46 21.89
CA THR A 62 22.58 14.53 22.89
C THR A 62 21.36 14.69 23.79
N ALA A 63 20.14 14.60 23.26
CA ALA A 63 18.94 14.82 24.10
C ALA A 63 18.65 13.69 25.09
N PHE A 64 18.91 12.44 24.70
CA PHE A 64 18.61 11.29 25.58
C PHE A 64 19.82 10.71 26.31
N GLY A 65 20.92 11.45 26.28
CA GLY A 65 22.09 11.16 27.13
C GLY A 65 23.07 10.13 26.59
N GLY A 66 23.36 10.19 25.29
CA GLY A 66 24.32 9.31 24.64
C GLY A 66 23.64 8.45 23.57
N PRO A 67 24.39 8.12 22.49
CA PRO A 67 23.79 7.48 21.34
C PRO A 67 23.25 6.04 21.57
N GLY A 68 23.83 5.31 22.52
CA GLY A 68 23.34 4.01 22.96
C GLY A 68 21.94 3.95 23.54
N ASN A 69 21.37 5.07 23.97
CA ASN A 69 20.00 5.07 24.48
C ASN A 69 18.97 5.20 23.38
N VAL A 70 19.43 5.56 22.18
CA VAL A 70 18.54 5.81 21.03
C VAL A 70 18.55 4.65 20.03
N HIS A 71 17.40 3.99 19.85
CA HIS A 71 17.24 3.01 18.77
C HIS A 71 16.67 3.75 17.55
N TYR A 72 17.25 3.57 16.35
CA TYR A 72 16.57 3.94 15.09
C TYR A 72 15.56 2.87 14.64
N ALA A 73 14.30 3.26 14.50
CA ALA A 73 13.21 2.33 14.12
C ALA A 73 13.26 2.02 12.63
N SER A 74 13.93 0.93 12.30
CA SER A 74 14.12 0.48 10.91
C SER A 74 12.87 0.52 10.01
N LYS A 75 11.74 0.15 10.58
CA LYS A 75 10.49 0.22 9.82
C LYS A 75 10.27 1.50 8.99
N ALA A 76 10.73 2.65 9.45
CA ALA A 76 10.72 3.87 8.61
C ALA A 76 11.41 3.75 7.26
N PHE A 77 12.54 3.03 7.24
CA PHE A 77 13.45 2.90 6.06
C PHE A 77 14.74 2.21 6.46
N LEU A 78 15.14 1.24 5.67
CA LEU A 78 16.27 0.46 6.01
C LEU A 78 16.93 -0.09 4.75
N THR A 79 18.23 0.16 4.63
CA THR A 79 19.12 -0.49 3.68
C THR A 79 20.41 -0.80 4.47
N LYS A 80 21.32 -1.54 3.85
CA LYS A 80 22.70 -1.68 4.36
C LYS A 80 23.35 -0.32 4.60
N THR A 81 23.16 0.63 3.69
CA THR A 81 23.72 1.98 3.89
C THR A 81 23.20 2.69 5.18
N ILE A 82 21.90 2.67 5.39
CA ILE A 82 21.28 3.23 6.60
C ILE A 82 21.78 2.55 7.86
N ALA A 83 21.91 1.23 7.82
CA ALA A 83 22.45 0.53 8.99
C ALA A 83 23.90 0.95 9.31
N ARG A 84 24.69 1.26 8.27
CA ARG A 84 26.07 1.62 8.46
C ARG A 84 26.14 2.98 9.12
N TRP A 85 25.33 3.94 8.65
CA TRP A 85 25.25 5.27 9.28
C TRP A 85 24.81 5.17 10.73
N VAL A 86 23.82 4.35 11.03
CA VAL A 86 23.36 4.22 12.41
C VAL A 86 24.50 3.62 13.25
N ASP A 87 25.27 2.73 12.62
CA ASP A 87 26.40 2.07 13.26
C ASP A 87 27.42 3.17 13.58
N GLU A 88 27.91 3.84 12.57
CA GLU A 88 28.89 4.92 12.76
C GLU A 88 28.48 6.01 13.78
N GLU A 89 27.20 6.38 13.84
CA GLU A 89 26.74 7.39 14.81
C GLU A 89 26.57 6.85 16.24
N GLY A 90 26.60 5.54 16.43
CA GLY A 90 26.60 4.94 17.79
C GLY A 90 25.25 4.53 18.33
N LEU A 91 24.27 4.46 17.42
CA LEU A 91 22.88 4.20 17.80
C LEU A 91 22.58 2.72 17.79
N ALA A 92 21.58 2.36 18.57
CA ALA A 92 21.02 1.04 18.52
C ALA A 92 20.05 1.02 17.33
N LEU A 93 19.59 -0.17 16.98
CA LEU A 93 18.77 -0.38 15.79
C LEU A 93 17.65 -1.31 16.20
N ASP A 94 16.40 -0.86 16.11
CA ASP A 94 15.31 -1.75 16.41
C ASP A 94 14.75 -2.32 15.12
N ILE A 95 14.56 -3.64 15.13
CA ILE A 95 14.28 -4.50 13.98
C ILE A 95 12.94 -5.24 14.24
N ALA A 96 12.19 -5.51 13.18
CA ALA A 96 10.86 -6.04 13.35
C ALA A 96 10.56 -7.32 12.58
N SER A 97 11.51 -7.82 11.81
CA SER A 97 11.32 -9.05 11.07
C SER A 97 12.69 -9.70 10.81
N ILE A 98 12.68 -10.92 10.30
CA ILE A 98 13.91 -11.65 10.05
C ILE A 98 14.73 -11.03 8.91
N ASN A 99 14.04 -10.38 7.97
CA ASN A 99 14.73 -9.71 6.87
C ASN A 99 15.28 -8.34 7.25
N GLU A 100 14.61 -7.62 8.17
CA GLU A 100 15.21 -6.38 8.67
C GLU A 100 16.48 -6.82 9.44
N LEU A 101 16.43 -7.94 10.17
CA LEU A 101 17.65 -8.47 10.81
C LEU A 101 18.73 -8.78 9.77
N GLY A 102 18.34 -9.46 8.70
CA GLY A 102 19.28 -9.89 7.66
C GLY A 102 20.01 -8.74 7.01
N ILE A 103 19.28 -7.66 6.76
CA ILE A 103 19.86 -6.46 6.16
C ILE A 103 20.94 -5.89 7.07
N ALA A 104 20.57 -5.72 8.33
CA ALA A 104 21.45 -5.21 9.35
C ALA A 104 22.73 -6.04 9.49
N LEU A 105 22.58 -7.36 9.57
CA LEU A 105 23.74 -8.26 9.68
C LEU A 105 24.58 -8.22 8.44
N ALA A 106 23.97 -8.14 7.27
CA ALA A 106 24.74 -7.98 6.01
C ALA A 106 25.45 -6.62 5.87
N ALA A 107 24.99 -5.62 6.61
CA ALA A 107 25.75 -4.37 6.76
C ALA A 107 26.88 -4.45 7.81
N GLY A 108 27.07 -5.62 8.44
CA GLY A 108 27.95 -5.76 9.59
C GLY A 108 27.57 -4.98 10.83
N PHE A 109 26.26 -4.78 11.03
CA PHE A 109 25.80 -3.97 12.15
C PHE A 109 25.89 -4.89 13.35
N PRO A 110 26.53 -4.43 14.43
CA PRO A 110 26.70 -5.28 15.63
C PRO A 110 25.39 -5.72 16.25
N ALA A 111 25.21 -7.04 16.29
CA ALA A 111 24.01 -7.68 16.84
C ALA A 111 23.66 -7.31 18.28
N SER A 112 24.66 -6.98 19.10
CA SER A 112 24.43 -6.67 20.51
C SER A 112 23.76 -5.30 20.68
N ARG A 113 23.80 -4.47 19.62
CA ARG A 113 23.08 -3.21 19.57
C ARG A 113 21.72 -3.29 18.81
N ILE A 114 21.24 -4.50 18.54
CA ILE A 114 19.97 -4.71 17.88
C ILE A 114 18.98 -5.02 18.97
N THR A 115 17.82 -4.35 18.92
CA THR A 115 16.63 -4.71 19.70
C THR A 115 15.56 -5.25 18.74
N ALA A 116 14.98 -6.44 19.02
CA ALA A 116 14.04 -7.08 18.07
C ALA A 116 12.59 -7.01 18.50
N HIS A 117 11.71 -6.51 17.64
CA HIS A 117 10.28 -6.46 17.89
C HIS A 117 9.55 -7.36 16.95
N GLY A 118 8.28 -7.56 17.23
CA GLY A 118 7.41 -8.42 16.42
C GLY A 118 6.28 -8.95 17.26
N ASN A 119 5.05 -8.88 16.75
CA ASN A 119 3.89 -9.43 17.48
C ASN A 119 3.60 -10.87 17.18
N ASN A 120 4.32 -11.47 16.24
CA ASN A 120 4.15 -12.85 15.89
C ASN A 120 5.50 -13.45 15.39
N LYS A 121 6.48 -13.38 16.25
CA LYS A 121 7.79 -13.90 15.96
C LYS A 121 7.75 -15.43 15.84
N GLY A 122 8.06 -15.93 14.66
CA GLY A 122 8.17 -17.38 14.47
C GLY A 122 9.44 -17.99 15.11
N VAL A 123 9.48 -19.33 15.17
CA VAL A 123 10.64 -20.01 15.75
C VAL A 123 11.94 -19.86 14.96
N GLU A 124 11.87 -19.78 13.63
CA GLU A 124 13.06 -19.44 12.83
C GLU A 124 13.62 -18.15 13.37
N PHE A 125 12.78 -17.10 13.38
CA PHE A 125 13.23 -15.73 13.72
C PHE A 125 13.83 -15.67 15.11
N LEU A 126 13.15 -16.23 16.09
CA LEU A 126 13.70 -16.29 17.42
C LEU A 126 15.09 -16.92 17.48
N ARG A 127 15.29 -17.99 16.71
CA ARG A 127 16.57 -18.68 16.70
C ARG A 127 17.67 -17.78 16.10
N ALA A 128 17.41 -17.16 14.95
CA ALA A 128 18.36 -16.20 14.33
C ALA A 128 18.83 -15.17 15.34
N LEU A 129 17.87 -14.59 16.04
CA LEU A 129 18.13 -13.60 17.08
C LEU A 129 18.99 -14.16 18.23
N VAL A 130 18.59 -15.29 18.77
CA VAL A 130 19.31 -15.90 19.88
C VAL A 130 20.74 -16.33 19.44
N GLN A 131 20.86 -16.92 18.25
CA GLN A 131 22.19 -17.36 17.73
C GLN A 131 23.10 -16.19 17.42
N ASN A 132 22.56 -15.08 16.93
CA ASN A 132 23.42 -13.94 16.65
C ASN A 132 23.72 -13.08 17.88
N GLY A 133 23.03 -13.34 18.99
CA GLY A 133 23.23 -12.60 20.23
C GLY A 133 22.74 -11.15 20.19
N VAL A 134 21.48 -10.94 19.80
CA VAL A 134 20.87 -9.61 19.92
C VAL A 134 20.73 -9.16 21.35
N GLY A 135 20.89 -7.86 21.51
CA GLY A 135 20.81 -7.21 22.77
C GLY A 135 19.51 -7.38 23.50
N HIS A 136 18.38 -7.13 22.85
CA HIS A 136 17.06 -7.31 23.54
C HIS A 136 16.09 -7.98 22.59
N VAL A 137 15.23 -8.82 23.14
CA VAL A 137 14.03 -9.27 22.45
C VAL A 137 12.86 -8.69 23.20
N VAL A 138 11.99 -7.96 22.49
CA VAL A 138 10.78 -7.39 23.07
C VAL A 138 9.64 -8.46 22.99
N LEU A 139 9.22 -8.97 24.13
CA LEU A 139 8.25 -10.05 24.20
C LEU A 139 6.87 -9.45 24.03
N ASP A 140 6.06 -10.07 23.15
CA ASP A 140 4.71 -9.60 22.81
C ASP A 140 3.54 -10.45 23.35
N SER A 141 3.76 -11.75 23.62
CA SER A 141 2.72 -12.64 24.12
C SER A 141 3.30 -13.65 25.06
N ALA A 142 2.42 -14.19 25.89
CA ALA A 142 2.74 -15.38 26.69
C ALA A 142 3.43 -16.50 25.88
N GLN A 143 2.99 -16.73 24.63
CA GLN A 143 3.54 -17.77 23.75
C GLN A 143 4.95 -17.46 23.26
N GLU A 144 5.25 -16.23 22.99
CA GLU A 144 6.58 -15.93 22.54
C GLU A 144 7.56 -16.12 23.71
N LEU A 145 7.13 -15.75 24.92
CA LEU A 145 7.92 -15.90 26.12
C LEU A 145 8.30 -17.36 26.30
N GLU A 146 7.32 -18.25 26.39
CA GLU A 146 7.64 -19.67 26.58
C GLU A 146 8.51 -20.23 25.47
N LEU A 147 8.24 -19.80 24.24
CA LEU A 147 8.98 -20.28 23.08
C LEU A 147 10.39 -19.72 23.03
N LEU A 148 10.58 -18.47 23.45
CA LEU A 148 11.90 -17.87 23.48
C LEU A 148 12.75 -18.52 24.58
N ASP A 149 12.09 -18.93 25.66
CA ASP A 149 12.78 -19.63 26.71
C ASP A 149 13.34 -20.97 26.17
N TYR A 150 12.47 -21.76 25.52
CA TYR A 150 12.88 -23.02 24.88
C TYR A 150 14.04 -22.82 23.91
N VAL A 151 13.91 -21.89 22.96
CA VAL A 151 14.98 -21.62 21.97
C VAL A 151 16.32 -21.27 22.63
N ALA A 152 16.26 -20.44 23.67
CA ALA A 152 17.44 -20.03 24.40
C ALA A 152 18.12 -21.19 25.10
N ALA A 153 17.34 -22.07 25.73
CA ALA A 153 17.83 -23.35 26.29
C ALA A 153 18.56 -24.20 25.24
N GLY A 154 17.91 -24.44 24.10
CA GLY A 154 18.52 -25.16 22.99
C GLY A 154 19.90 -24.70 22.63
N GLU A 155 20.10 -23.40 22.60
CA GLU A 155 21.42 -22.82 22.33
C GLU A 155 22.17 -22.67 23.67
N GLY A 156 23.28 -21.98 23.66
CA GLY A 156 23.97 -21.75 24.92
C GLY A 156 23.19 -21.01 25.99
N LYS A 157 22.28 -20.13 25.59
CA LYS A 157 22.22 -18.76 26.15
C LYS A 157 21.08 -18.34 27.09
N ILE A 158 21.32 -17.17 27.69
CA ILE A 158 20.35 -16.41 28.47
C ILE A 158 20.11 -15.12 27.66
N GLN A 159 18.89 -14.96 27.16
CA GLN A 159 18.57 -13.87 26.26
C GLN A 159 17.93 -12.75 27.07
N ASP A 160 18.50 -11.56 26.93
CA ASP A 160 17.93 -10.35 27.55
C ASP A 160 16.62 -9.95 26.86
N VAL A 161 15.62 -9.60 27.66
CA VAL A 161 14.31 -9.26 27.15
C VAL A 161 13.66 -8.03 27.82
N LEU A 162 12.90 -7.34 27.01
CA LEU A 162 11.95 -6.36 27.49
C LEU A 162 10.58 -6.96 27.25
N ILE A 163 9.60 -6.50 28.00
CA ILE A 163 8.21 -6.91 27.87
C ILE A 163 7.38 -5.69 27.46
N ARG A 164 6.70 -5.79 26.33
CA ARG A 164 5.84 -4.69 25.88
C ARG A 164 4.56 -4.53 26.68
N VAL A 165 4.30 -3.31 27.12
CA VAL A 165 3.19 -2.99 28.04
C VAL A 165 2.30 -1.99 27.37
N LYS A 166 1.01 -2.08 27.60
CA LYS A 166 0.05 -1.13 27.07
C LYS A 166 -0.52 -0.34 28.21
N PRO A 167 -0.08 0.90 28.38
CA PRO A 167 -0.51 1.67 29.55
C PRO A 167 -1.86 2.38 29.43
N GLY A 168 -2.51 2.32 28.29
CA GLY A 168 -3.75 3.05 28.08
C GLY A 168 -3.57 4.50 27.69
N ILE A 169 -2.51 4.79 26.98
CA ILE A 169 -2.27 6.15 26.55
C ILE A 169 -2.05 6.10 25.05
N GLU A 170 -2.63 7.06 24.34
CA GLU A 170 -2.44 7.17 22.92
C GLU A 170 -2.15 8.68 22.63
N ALA A 171 -0.89 8.98 22.42
CA ALA A 171 -0.41 10.30 22.36
C ALA A 171 -0.36 10.76 20.91
N HIS A 172 -0.98 11.91 20.65
CA HIS A 172 -1.03 12.50 19.33
C HIS A 172 -0.47 13.92 19.42
N THR A 173 -0.54 14.61 18.29
CA THR A 173 -0.07 15.96 18.13
C THR A 173 -0.72 16.98 19.09
N HIS A 174 -2.02 17.06 19.08
CA HIS A 174 -2.71 18.06 19.87
C HIS A 174 -3.32 17.50 21.17
N GLU A 175 -3.31 16.18 21.32
CA GLU A 175 -3.97 15.59 22.45
C GLU A 175 -3.32 14.28 22.74
N PHE A 176 -3.65 13.77 23.93
CA PHE A 176 -3.59 12.35 24.20
C PHE A 176 -4.91 11.82 24.68
N ILE A 177 -5.07 10.51 24.50
CA ILE A 177 -6.27 9.79 24.81
C ILE A 177 -5.85 8.78 25.85
N ALA A 178 -6.58 8.73 26.97
CA ALA A 178 -6.27 7.81 28.05
C ALA A 178 -7.41 6.88 28.35
N THR A 179 -7.07 5.61 28.43
CA THR A 179 -8.08 4.60 28.57
C THR A 179 -7.57 3.64 29.61
N SER A 180 -8.40 2.76 30.14
CA SER A 180 -7.84 1.77 31.04
C SER A 180 -7.16 0.62 30.25
N HIS A 181 -7.75 0.17 29.14
CA HIS A 181 -7.13 -0.86 28.30
C HIS A 181 -6.99 -0.37 26.89
N GLU A 182 -6.03 -0.93 26.15
CA GLU A 182 -5.82 -0.64 24.72
C GLU A 182 -6.23 -1.87 23.88
N ASP A 183 -7.23 -1.68 23.03
CA ASP A 183 -7.74 -2.71 22.13
C ASP A 183 -6.85 -2.78 20.90
N GLN A 184 -5.66 -3.31 21.04
CA GLN A 184 -4.77 -3.46 19.88
C GLN A 184 -3.88 -4.69 20.06
N LYS A 185 -3.17 -5.07 19.02
CA LYS A 185 -2.62 -6.44 18.97
C LYS A 185 -1.41 -6.72 19.83
N PHE A 186 -0.74 -5.66 20.25
CA PHE A 186 0.59 -5.77 20.81
C PHE A 186 0.56 -5.94 22.34
N GLY A 187 1.47 -6.76 22.86
CA GLY A 187 1.80 -6.70 24.29
C GLY A 187 0.76 -7.08 25.29
N PHE A 188 1.00 -6.70 26.53
CA PHE A 188 0.19 -7.14 27.66
C PHE A 188 -0.49 -5.93 28.30
N SER A 189 -1.78 -5.98 28.66
CA SER A 189 -2.35 -4.86 29.44
C SER A 189 -1.63 -4.56 30.76
N LEU A 190 -1.39 -3.29 31.05
CA LEU A 190 -1.17 -2.87 32.47
C LEU A 190 -2.37 -3.20 33.36
N ALA A 191 -3.58 -2.82 32.98
CA ALA A 191 -4.66 -2.79 33.96
C ALA A 191 -5.27 -4.15 34.28
N SER A 192 -5.17 -5.14 33.42
CA SER A 192 -5.66 -6.49 33.73
C SER A 192 -4.78 -7.22 34.75
N GLY A 193 -3.51 -6.85 34.85
CA GLY A 193 -2.53 -7.58 35.62
C GLY A 193 -1.67 -8.45 34.75
N SER A 194 -1.87 -8.43 33.43
CA SER A 194 -1.19 -9.40 32.60
C SER A 194 0.30 -9.03 32.30
N ALA A 195 0.62 -7.73 32.28
CA ALA A 195 1.99 -7.28 32.26
C ALA A 195 2.76 -7.68 33.52
N PHE A 196 2.11 -7.63 34.69
CA PHE A 196 2.73 -8.12 35.93
C PHE A 196 3.01 -9.61 35.82
N GLU A 197 1.98 -10.43 35.54
CA GLU A 197 2.15 -11.90 35.31
C GLU A 197 3.30 -12.23 34.31
N ALA A 198 3.45 -11.41 33.27
CA ALA A 198 4.47 -11.61 32.25
C ALA A 198 5.85 -11.30 32.76
N ALA A 199 6.00 -10.23 33.53
CA ALA A 199 7.25 -9.92 34.16
C ALA A 199 7.57 -11.01 35.19
N LYS A 200 6.54 -11.48 35.90
CA LYS A 200 6.69 -12.60 36.85
C LYS A 200 7.24 -13.82 36.11
N ALA A 201 6.69 -14.16 34.94
CA ALA A 201 7.17 -15.35 34.16
C ALA A 201 8.54 -15.21 33.44
N ALA A 202 8.91 -14.00 33.07
CA ALA A 202 10.21 -13.75 32.43
C ALA A 202 11.36 -13.83 33.45
N ASN A 203 11.06 -13.45 34.70
CA ASN A 203 12.02 -13.43 35.80
C ASN A 203 12.41 -14.91 36.09
N ASN A 204 11.44 -15.65 36.63
CA ASN A 204 11.30 -17.13 36.64
C ASN A 204 12.00 -17.94 35.52
N ALA A 205 11.93 -17.50 34.27
CA ALA A 205 12.50 -18.28 33.18
C ALA A 205 14.01 -18.32 33.33
N GLU A 206 14.57 -19.50 33.11
CA GLU A 206 15.96 -19.77 33.40
C GLU A 206 16.78 -19.19 32.33
N ASN A 207 16.23 -19.21 31.13
CA ASN A 207 16.95 -18.74 29.99
C ASN A 207 16.56 -17.33 29.53
N LEU A 208 15.79 -16.63 30.35
CA LEU A 208 15.52 -15.22 30.13
C LEU A 208 15.97 -14.34 31.31
N ASN A 209 16.55 -13.20 30.93
CA ASN A 209 16.88 -12.14 31.83
C ASN A 209 16.05 -10.87 31.51
N LEU A 210 15.15 -10.56 32.41
CA LEU A 210 14.27 -9.39 32.25
C LEU A 210 14.97 -8.12 32.62
N VAL A 211 15.14 -7.19 31.68
CA VAL A 211 15.84 -5.90 31.94
C VAL A 211 14.98 -4.62 31.95
N GLY A 212 13.74 -4.72 31.49
CA GLY A 212 12.83 -3.58 31.51
C GLY A 212 11.47 -3.83 30.89
N LEU A 213 10.66 -2.78 30.90
CA LEU A 213 9.48 -2.72 30.09
C LEU A 213 9.62 -1.83 28.86
N HIS A 214 8.72 -2.04 27.91
CA HIS A 214 8.66 -1.26 26.71
C HIS A 214 7.21 -0.79 26.52
N CYS A 215 7.05 0.43 26.02
CA CYS A 215 5.76 0.81 25.48
C CYS A 215 5.98 1.74 24.28
N HIS A 216 4.99 1.76 23.41
CA HIS A 216 4.95 2.66 22.27
C HIS A 216 3.54 3.24 22.28
N VAL A 217 3.45 4.54 22.49
CA VAL A 217 2.18 5.23 22.71
C VAL A 217 1.88 6.35 21.75
N GLY A 218 2.83 6.76 20.93
CA GLY A 218 2.79 8.04 20.30
C GLY A 218 2.78 7.94 18.80
N SER A 219 2.18 8.92 18.17
CA SER A 219 2.42 9.17 16.76
C SER A 219 2.38 10.68 16.48
N GLN A 220 3.42 11.21 15.83
CA GLN A 220 3.45 12.63 15.51
C GLN A 220 3.30 13.52 16.77
N VAL A 221 4.10 13.23 17.78
CA VAL A 221 4.05 13.86 19.10
C VAL A 221 5.09 14.99 19.17
N PHE A 222 4.71 16.12 19.77
CA PHE A 222 5.57 17.29 19.84
C PHE A 222 5.83 17.83 21.23
N ASP A 223 5.13 17.31 22.24
CA ASP A 223 5.42 17.58 23.64
C ASP A 223 5.45 16.25 24.43
N ALA A 224 5.81 16.31 25.70
CA ALA A 224 6.00 15.15 26.57
C ALA A 224 4.81 14.78 27.48
N GLU A 225 3.71 15.52 27.43
CA GLU A 225 2.59 15.28 28.36
C GLU A 225 2.06 13.87 28.28
N GLY A 226 1.76 13.39 27.07
CA GLY A 226 1.28 12.01 26.88
C GLY A 226 2.33 11.01 27.29
N PHE A 227 3.55 11.18 26.77
CA PHE A 227 4.68 10.33 27.19
C PHE A 227 4.83 10.29 28.72
N LYS A 228 4.70 11.45 29.36
CA LYS A 228 4.85 11.53 30.80
C LYS A 228 3.84 10.66 31.57
N LEU A 229 2.58 10.73 31.15
CA LEU A 229 1.56 9.97 31.80
C LEU A 229 1.74 8.49 31.47
N ALA A 230 2.17 8.16 30.26
CA ALA A 230 2.47 6.78 29.93
C ALA A 230 3.56 6.26 30.87
N ALA A 231 4.61 7.05 31.02
CA ALA A 231 5.71 6.78 31.95
C ALA A 231 5.27 6.64 33.42
N GLU A 232 4.37 7.50 33.89
CA GLU A 232 3.82 7.41 35.26
C GLU A 232 3.16 6.05 35.51
N ARG A 233 2.34 5.62 34.56
CA ARG A 233 1.60 4.38 34.67
C ARG A 233 2.51 3.14 34.61
N VAL A 234 3.50 3.16 33.70
CA VAL A 234 4.46 2.07 33.56
C VAL A 234 5.38 2.00 34.79
N LEU A 235 5.83 3.15 35.31
CA LEU A 235 6.68 3.16 36.51
C LEU A 235 5.88 2.70 37.75
N GLY A 236 4.58 2.97 37.80
CA GLY A 236 3.73 2.33 38.81
C GLY A 236 3.87 0.80 38.80
N LEU A 237 4.02 0.20 37.64
CA LEU A 237 4.33 -1.22 37.50
C LEU A 237 5.79 -1.54 37.85
N TYR A 238 6.76 -0.65 37.58
CA TYR A 238 8.15 -0.82 38.09
C TYR A 238 8.23 -0.96 39.64
N SER A 239 7.45 -0.10 40.30
CA SER A 239 7.25 -0.06 41.74
C SER A 239 6.55 -1.31 42.27
N GLN A 240 5.52 -1.78 41.54
CA GLN A 240 4.82 -3.01 41.92
C GLN A 240 5.72 -4.22 41.72
N ILE A 241 6.52 -4.22 40.66
CA ILE A 241 7.49 -5.29 40.47
C ILE A 241 8.50 -5.34 41.63
N HIS A 242 9.11 -4.20 41.97
CA HIS A 242 10.08 -4.14 43.06
C HIS A 242 9.49 -4.60 44.40
N SER A 243 8.26 -4.21 44.68
CA SER A 243 7.72 -4.44 45.99
C SER A 243 6.93 -5.79 46.13
N GLU A 244 6.63 -6.47 45.01
CA GLU A 244 5.99 -7.79 44.99
C GLU A 244 6.87 -8.91 44.50
N LEU A 245 7.97 -8.57 43.81
CA LEU A 245 8.95 -9.55 43.36
C LEU A 245 10.37 -9.23 43.79
N GLY A 246 10.61 -8.02 44.29
CA GLY A 246 11.93 -7.62 44.70
C GLY A 246 12.91 -7.46 43.57
N VAL A 247 12.42 -7.15 42.37
CA VAL A 247 13.27 -6.97 41.20
C VAL A 247 13.33 -5.47 40.90
N ALA A 248 14.52 -5.03 40.52
CA ALA A 248 14.77 -3.64 40.17
C ALA A 248 15.09 -3.71 38.72
N LEU A 249 14.49 -2.83 37.91
CA LEU A 249 14.66 -2.90 36.46
C LEU A 249 15.52 -1.79 36.01
N PRO A 250 16.66 -2.09 35.34
CA PRO A 250 17.56 -1.02 34.96
C PRO A 250 17.10 -0.17 33.78
N GLU A 251 16.33 -0.73 32.86
CA GLU A 251 15.93 -0.01 31.61
C GLU A 251 14.41 0.21 31.49
N LEU A 252 14.08 1.28 30.76
CA LEU A 252 12.70 1.62 30.39
C LEU A 252 12.71 2.18 28.98
N ASP A 253 12.04 1.48 28.07
CA ASP A 253 11.95 1.83 26.64
C ASP A 253 10.57 2.46 26.40
N LEU A 254 10.59 3.75 26.07
CA LEU A 254 9.37 4.54 25.88
C LEU A 254 8.92 4.66 24.44
N GLY A 255 9.55 3.92 23.53
CA GLY A 255 9.05 3.86 22.16
C GLY A 255 9.41 5.09 21.38
N GLY A 256 8.95 5.12 20.13
CA GLY A 256 8.98 6.31 19.32
C GLY A 256 7.70 7.13 19.30
N GLY A 257 7.40 7.68 18.12
CA GLY A 257 6.20 8.52 17.88
C GLY A 257 6.50 10.00 17.84
N TYR A 258 7.78 10.35 17.75
CA TYR A 258 8.19 11.74 17.76
C TYR A 258 7.94 12.31 16.38
N GLY A 259 7.42 13.53 16.35
CA GLY A 259 6.87 14.11 15.15
C GLY A 259 7.81 14.96 14.34
N ILE A 260 7.44 15.15 13.09
CA ILE A 260 8.14 16.07 12.19
C ILE A 260 7.13 16.96 11.54
N ALA A 261 7.54 18.15 11.19
CA ALA A 261 6.70 19.12 10.48
C ALA A 261 6.63 18.67 9.03
N TYR A 262 5.42 18.34 8.54
CA TYR A 262 5.18 18.00 7.13
C TYR A 262 4.88 19.17 6.22
N THR A 263 4.18 20.15 6.75
CA THR A 263 3.76 21.34 6.01
C THR A 263 4.22 22.62 6.72
N ALA A 264 4.18 23.73 6.00
CA ALA A 264 4.77 25.00 6.47
C ALA A 264 4.18 25.54 7.76
N ALA A 265 2.89 25.35 7.94
CA ALA A 265 2.15 25.79 9.11
C ALA A 265 2.55 25.10 10.43
N GLU A 266 3.10 23.88 10.34
CA GLU A 266 3.50 23.10 11.51
C GLU A 266 4.85 23.57 12.15
N GLU A 267 4.94 23.48 13.49
CA GLU A 267 6.21 23.74 14.18
C GLU A 267 7.07 22.48 14.10
N PRO A 268 8.40 22.64 13.93
CA PRO A 268 9.29 21.50 14.00
C PRO A 268 9.38 20.99 15.43
N LEU A 269 9.93 19.79 15.59
CA LEU A 269 10.12 19.18 16.93
C LEU A 269 11.26 19.88 17.67
N ASN A 270 11.08 20.15 18.97
CA ASN A 270 12.20 20.51 19.84
C ASN A 270 12.51 19.32 20.76
N VAL A 271 13.41 18.47 20.29
CA VAL A 271 13.76 17.25 21.00
C VAL A 271 14.46 17.58 22.30
N ALA A 272 15.35 18.57 22.31
CA ALA A 272 16.03 19.00 23.54
C ALA A 272 15.01 19.27 24.67
N GLU A 273 13.94 19.98 24.35
CA GLU A 273 12.97 20.40 25.35
C GLU A 273 12.04 19.30 25.73
N VAL A 274 11.64 18.52 24.73
CA VAL A 274 10.79 17.34 24.96
C VAL A 274 11.53 16.29 25.79
N ALA A 275 12.84 16.09 25.54
CA ALA A 275 13.63 15.08 26.27
C ALA A 275 13.92 15.53 27.69
N SER A 276 14.24 16.79 27.85
CA SER A 276 14.43 17.35 29.19
C SER A 276 13.20 17.17 30.09
N ASP A 277 12.03 17.52 29.57
CA ASP A 277 10.79 17.47 30.34
C ASP A 277 10.45 15.99 30.72
N LEU A 278 10.71 15.05 29.81
CA LEU A 278 10.38 13.64 30.05
C LEU A 278 11.33 12.98 31.04
N LEU A 279 12.63 13.14 30.82
CA LEU A 279 13.66 12.58 31.70
C LEU A 279 13.60 13.18 33.11
N THR A 280 13.42 14.49 33.17
CA THR A 280 13.19 15.14 34.45
C THR A 280 12.01 14.54 35.21
N ALA A 281 10.87 14.35 34.55
CA ALA A 281 9.65 13.75 35.17
C ALA A 281 9.85 12.28 35.59
N VAL A 282 10.57 11.53 34.77
CA VAL A 282 10.92 10.16 35.08
C VAL A 282 11.79 10.09 36.35
N GLY A 283 12.78 10.97 36.47
CA GLY A 283 13.55 11.09 37.71
C GLY A 283 12.68 11.47 38.91
N LYS A 284 11.76 12.41 38.73
CA LYS A 284 10.92 12.80 39.84
C LYS A 284 9.98 11.66 40.22
N MET A 285 9.43 10.95 39.25
CA MET A 285 8.47 9.89 39.60
C MET A 285 9.17 8.71 40.29
N ALA A 286 10.36 8.29 39.78
CA ALA A 286 11.15 7.17 40.33
C ALA A 286 11.46 7.35 41.81
N ALA A 287 11.89 8.59 42.13
CA ALA A 287 12.18 9.07 43.49
C ALA A 287 10.93 9.11 44.38
N GLU A 288 9.81 9.61 43.87
CA GLU A 288 8.53 9.57 44.62
C GLU A 288 8.05 8.10 44.89
N LEU A 289 8.40 7.16 44.02
CA LEU A 289 8.00 5.76 44.18
C LEU A 289 9.05 4.96 44.97
N GLY A 290 10.24 5.56 45.13
CA GLY A 290 11.33 4.95 45.89
C GLY A 290 11.95 3.81 45.14
N ILE A 291 12.27 4.03 43.87
CA ILE A 291 12.94 3.05 43.02
C ILE A 291 14.06 3.71 42.29
N ASP A 292 14.94 2.89 41.73
CA ASP A 292 16.02 3.39 40.91
C ASP A 292 15.36 4.03 39.70
N ALA A 293 15.93 5.14 39.25
CA ALA A 293 15.56 5.76 38.00
C ALA A 293 16.20 4.97 36.82
N PRO A 294 15.36 4.30 36.00
CA PRO A 294 15.90 3.47 34.94
C PRO A 294 16.53 4.32 33.82
N THR A 295 17.43 3.71 33.04
CA THR A 295 17.91 4.38 31.86
C THR A 295 16.74 4.41 30.87
N VAL A 296 16.46 5.60 30.32
CA VAL A 296 15.37 5.73 29.33
C VAL A 296 15.90 5.49 27.94
N LEU A 297 15.27 4.56 27.22
CA LEU A 297 15.55 4.28 25.82
C LEU A 297 14.44 4.87 24.98
N VAL A 298 14.74 5.25 23.75
CA VAL A 298 13.71 5.72 22.83
C VAL A 298 13.93 5.17 21.44
N GLU A 299 12.86 5.15 20.65
CA GLU A 299 12.86 4.41 19.36
C GLU A 299 12.27 5.24 18.24
N PRO A 300 12.85 6.43 17.97
CA PRO A 300 12.40 7.23 16.85
C PRO A 300 12.64 6.56 15.57
N GLY A 301 11.66 6.68 14.68
CA GLY A 301 11.83 6.39 13.29
C GLY A 301 11.64 7.57 12.40
N ARG A 302 10.41 8.03 12.33
CA ARG A 302 10.04 9.18 11.54
C ARG A 302 10.97 10.38 11.73
N ALA A 303 11.31 10.63 13.00
CA ALA A 303 12.00 11.87 13.39
C ALA A 303 13.49 11.80 13.13
N ILE A 304 14.02 10.60 12.86
CA ILE A 304 15.38 10.52 12.31
C ILE A 304 15.39 10.51 10.78
N ALA A 305 14.48 9.78 10.17
CA ALA A 305 14.53 9.50 8.73
C ALA A 305 13.66 10.42 7.82
N GLY A 306 12.53 10.89 8.36
CA GLY A 306 11.55 11.62 7.56
C GLY A 306 12.10 12.83 6.83
N PRO A 307 12.66 13.78 7.58
CA PRO A 307 12.96 15.07 6.98
C PRO A 307 14.19 15.06 6.14
N SER A 308 15.02 14.04 6.30
CA SER A 308 16.25 13.93 5.52
C SER A 308 16.02 13.72 4.05
N THR A 309 14.78 13.45 3.64
CA THR A 309 14.53 12.94 2.31
C THR A 309 13.39 13.64 1.59
N VAL A 310 13.59 13.86 0.30
CA VAL A 310 12.55 14.33 -0.57
C VAL A 310 12.31 13.33 -1.71
N THR A 311 11.17 13.48 -2.37
CA THR A 311 10.86 12.72 -3.56
C THR A 311 10.68 13.65 -4.76
N ILE A 312 11.46 13.47 -5.82
CA ILE A 312 11.35 14.30 -7.00
C ILE A 312 10.53 13.59 -8.07
N TYR A 313 9.67 14.38 -8.72
CA TYR A 313 8.84 13.95 -9.82
C TYR A 313 8.99 14.94 -10.96
N GLU A 314 8.70 14.45 -12.16
CA GLU A 314 8.52 15.27 -13.35
C GLU A 314 7.05 15.48 -13.50
N VAL A 315 6.66 16.71 -13.77
CA VAL A 315 5.27 17.00 -14.07
C VAL A 315 4.97 16.54 -15.47
N GLY A 316 3.83 15.88 -15.66
CA GLY A 316 3.35 15.51 -16.99
C GLY A 316 2.15 16.37 -17.40
N THR A 317 0.98 15.75 -17.36
CA THR A 317 -0.28 16.26 -17.88
C THR A 317 -0.83 17.33 -16.93
N THR A 318 -1.38 18.41 -17.48
CA THR A 318 -2.13 19.37 -16.68
C THR A 318 -3.47 19.69 -17.35
N LYS A 319 -4.52 19.80 -16.54
CA LYS A 319 -5.80 20.21 -17.06
C LYS A 319 -6.68 20.88 -16.02
N ASP A 320 -7.52 21.77 -16.51
CA ASP A 320 -8.57 22.34 -15.70
C ASP A 320 -9.77 21.40 -15.77
N VAL A 321 -10.24 20.93 -14.62
CA VAL A 321 -11.28 19.93 -14.54
C VAL A 321 -12.51 20.63 -13.96
N HIS A 322 -13.62 20.59 -14.68
CA HIS A 322 -14.85 21.21 -14.20
C HIS A 322 -15.37 20.41 -13.01
N VAL A 323 -15.73 21.11 -11.95
CA VAL A 323 -16.33 20.50 -10.75
C VAL A 323 -17.82 20.90 -10.58
N ASP A 324 -18.22 22.06 -11.11
CA ASP A 324 -19.57 22.30 -11.59
C ASP A 324 -19.50 23.23 -12.80
N ASP A 325 -20.58 23.91 -13.18
CA ASP A 325 -20.66 24.60 -14.49
C ASP A 325 -19.64 25.72 -14.69
N ASP A 326 -19.30 26.40 -13.60
CA ASP A 326 -18.54 27.65 -13.66
C ASP A 326 -17.20 27.59 -12.90
N LYS A 327 -16.88 26.44 -12.31
CA LYS A 327 -15.85 26.31 -11.27
C LYS A 327 -14.90 25.18 -11.69
N THR A 328 -13.58 25.43 -11.71
CA THR A 328 -12.62 24.40 -12.13
C THR A 328 -11.57 24.10 -11.07
N ARG A 329 -10.87 22.99 -11.26
CA ARG A 329 -9.78 22.61 -10.40
C ARG A 329 -8.65 22.10 -11.27
N ARG A 330 -7.44 22.51 -10.93
CA ARG A 330 -6.30 22.28 -11.75
C ARG A 330 -5.70 20.97 -11.28
N TYR A 331 -5.65 20.00 -12.17
CA TYR A 331 -5.01 18.71 -11.89
C TYR A 331 -3.63 18.71 -12.55
N ILE A 332 -2.62 18.39 -11.76
CA ILE A 332 -1.24 18.22 -12.23
C ILE A 332 -0.87 16.81 -11.95
N ALA A 333 -0.52 16.07 -13.00
CA ALA A 333 -0.13 14.68 -12.88
C ALA A 333 1.40 14.61 -12.83
N VAL A 334 1.92 13.63 -12.10
CA VAL A 334 3.34 13.40 -11.97
C VAL A 334 3.57 11.91 -12.16
N ASP A 335 4.80 11.54 -12.46
CA ASP A 335 5.09 10.19 -12.96
C ASP A 335 5.19 9.06 -11.93
N GLY A 336 4.95 9.35 -10.67
CA GLY A 336 4.85 8.26 -9.71
C GLY A 336 3.41 8.12 -9.26
N GLY A 337 3.27 7.87 -7.96
CA GLY A 337 2.00 7.99 -7.28
C GLY A 337 1.96 7.17 -6.00
N MET A 338 0.78 6.58 -5.77
CA MET A 338 0.47 5.80 -4.57
C MET A 338 1.38 4.59 -4.40
N SER A 339 1.93 4.10 -5.51
CA SER A 339 2.94 3.07 -5.51
C SER A 339 4.25 3.48 -4.83
N ASP A 340 4.64 4.77 -4.87
CA ASP A 340 5.85 5.22 -4.15
C ASP A 340 5.53 6.06 -2.91
N ASN A 341 4.26 6.41 -2.75
CA ASN A 341 3.82 7.10 -1.55
C ASN A 341 2.31 6.89 -1.32
N ILE A 342 2.01 5.84 -0.56
CA ILE A 342 0.65 5.39 -0.30
C ILE A 342 -0.08 6.22 0.81
N ARG A 343 0.66 7.15 1.43
CA ARG A 343 0.26 7.74 2.70
C ARG A 343 -0.86 8.79 2.63
N PRO A 344 -0.88 9.64 1.61
CA PRO A 344 -2.10 10.44 1.46
C PRO A 344 -3.40 9.58 1.37
N ALA A 345 -3.39 8.51 0.56
CA ALA A 345 -4.54 7.60 0.43
C ALA A 345 -4.84 6.80 1.69
N LEU A 346 -3.81 6.24 2.29
CA LEU A 346 -3.99 5.33 3.40
C LEU A 346 -4.35 6.10 4.66
N TYR A 347 -3.59 7.12 4.99
CA TYR A 347 -3.74 7.84 6.26
C TYR A 347 -4.33 9.27 6.13
N GLY A 348 -4.48 9.81 4.93
CA GLY A 348 -4.90 11.22 4.82
C GLY A 348 -3.80 12.25 5.07
N SER A 349 -2.53 11.82 5.05
CA SER A 349 -1.36 12.70 5.37
C SER A 349 -1.14 13.77 4.31
N GLU A 350 -0.95 15.02 4.76
CA GLU A 350 -0.58 16.13 3.86
C GLU A 350 0.94 16.29 3.76
N TYR A 351 1.38 16.68 2.57
CA TYR A 351 2.75 16.94 2.20
C TYR A 351 2.87 18.35 1.60
N ASP A 352 4.08 18.91 1.70
CA ASP A 352 4.43 20.20 1.12
C ASP A 352 5.12 19.91 -0.21
N ALA A 353 4.71 20.65 -1.25
CA ALA A 353 5.20 20.46 -2.60
C ALA A 353 5.77 21.75 -3.15
N ARG A 354 6.87 21.65 -3.90
CA ARG A 354 7.51 22.81 -4.50
C ARG A 354 8.07 22.42 -5.85
N VAL A 355 8.14 23.39 -6.77
CA VAL A 355 8.91 23.23 -7.98
C VAL A 355 10.33 23.45 -7.55
N VAL A 356 11.21 22.53 -7.97
CA VAL A 356 12.61 22.56 -7.57
C VAL A 356 13.50 22.88 -8.75
N SER A 357 12.89 23.22 -9.88
CA SER A 357 13.64 23.47 -11.08
C SER A 357 13.65 24.97 -11.47
N ARG A 358 12.84 25.81 -10.80
CA ARG A 358 12.67 27.21 -11.18
C ARG A 358 11.66 27.87 -10.27
N PHE A 359 11.63 29.20 -10.33
CA PHE A 359 10.58 30.00 -9.68
C PHE A 359 9.33 29.93 -10.54
N ALA A 360 8.17 29.92 -9.88
CA ALA A 360 6.90 30.06 -10.56
C ALA A 360 6.46 31.51 -10.55
N GLU A 361 5.76 31.93 -11.60
CA GLU A 361 5.18 33.30 -11.72
C GLU A 361 3.65 33.36 -11.81
N GLY A 362 3.00 32.24 -12.07
CA GLY A 362 1.59 32.25 -12.43
C GLY A 362 0.63 32.58 -11.30
N ASP A 363 -0.53 33.12 -11.68
CA ASP A 363 -1.65 33.33 -10.77
C ASP A 363 -1.92 32.08 -9.92
N PRO A 364 -2.17 32.28 -8.63
CA PRO A 364 -2.44 31.13 -7.75
C PRO A 364 -3.89 30.58 -7.88
N VAL A 365 -4.05 29.26 -8.09
CA VAL A 365 -5.36 28.59 -8.27
C VAL A 365 -5.47 27.27 -7.50
N SER A 366 -6.69 26.84 -7.19
CA SER A 366 -6.97 25.56 -6.60
C SER A 366 -6.44 24.45 -7.47
N THR A 367 -5.63 23.58 -6.87
CA THR A 367 -4.83 22.64 -7.60
C THR A 367 -4.88 21.35 -6.82
N ARG A 368 -4.86 20.24 -7.52
CA ARG A 368 -4.72 18.93 -6.93
C ARG A 368 -3.58 18.22 -7.67
N ILE A 369 -2.66 17.56 -6.94
CA ILE A 369 -1.59 16.81 -7.59
C ILE A 369 -1.98 15.30 -7.60
N VAL A 370 -1.95 14.68 -8.77
CA VAL A 370 -2.30 13.29 -8.92
C VAL A 370 -1.16 12.49 -9.51
N GLY A 371 -1.20 11.18 -9.27
CA GLY A 371 -0.17 10.27 -9.77
C GLY A 371 -0.59 9.74 -11.10
N SER A 372 0.08 8.70 -11.56
CA SER A 372 -0.10 8.19 -12.92
C SER A 372 -0.81 6.82 -13.03
N HIS A 373 -1.38 6.33 -11.93
CA HIS A 373 -2.10 5.05 -11.84
C HIS A 373 -3.55 5.20 -12.30
N CYS A 374 -4.18 4.12 -12.77
CA CYS A 374 -5.58 4.19 -13.24
C CYS A 374 -6.58 3.86 -12.11
N GLU A 375 -6.71 4.81 -11.20
CA GLU A 375 -7.84 4.97 -10.32
C GLU A 375 -7.84 6.36 -9.75
N SER A 376 -9.02 6.94 -9.56
CA SER A 376 -9.16 8.17 -8.81
C SER A 376 -8.83 7.80 -7.39
N GLY A 377 -8.37 8.76 -6.60
CA GLY A 377 -7.85 8.43 -5.26
C GLY A 377 -6.36 8.15 -5.24
N ASP A 378 -5.74 8.05 -6.41
CA ASP A 378 -4.30 8.17 -6.56
C ASP A 378 -3.93 9.69 -6.58
N ILE A 379 -3.87 10.24 -5.39
CA ILE A 379 -3.85 11.67 -5.13
C ILE A 379 -2.70 11.90 -4.15
N LEU A 380 -1.78 12.78 -4.49
CA LEU A 380 -0.65 13.07 -3.64
C LEU A 380 -0.98 14.23 -2.76
N ILE A 381 -1.54 15.28 -3.33
CA ILE A 381 -1.88 16.49 -2.60
C ILE A 381 -3.32 16.81 -2.92
N ASN A 382 -4.20 16.69 -1.94
CA ASN A 382 -5.65 16.81 -2.21
C ASN A 382 -6.17 18.16 -2.63
N ASP A 383 -5.74 19.25 -1.98
CA ASP A 383 -6.34 20.58 -2.19
C ASP A 383 -5.49 21.70 -1.60
N GLU A 384 -4.68 22.32 -2.44
CA GLU A 384 -3.88 23.45 -2.04
C GLU A 384 -4.05 24.50 -3.14
N ILE A 385 -3.43 25.65 -2.96
CA ILE A 385 -3.45 26.74 -3.89
C ILE A 385 -1.99 27.06 -4.32
N TYR A 386 -1.66 26.69 -5.55
CA TYR A 386 -0.34 26.75 -6.14
C TYR A 386 -0.41 27.56 -7.44
N PRO A 387 0.74 28.12 -7.90
CA PRO A 387 0.73 28.91 -9.14
C PRO A 387 0.28 28.13 -10.39
N SER A 388 -0.43 28.81 -11.30
CA SER A 388 -1.02 28.18 -12.48
C SER A 388 -0.07 27.93 -13.66
N ASP A 389 1.18 28.37 -13.59
CA ASP A 389 2.16 28.00 -14.61
C ASP A 389 2.92 26.72 -14.31
N ILE A 390 2.55 25.93 -13.30
CA ILE A 390 3.25 24.68 -13.13
C ILE A 390 2.85 23.79 -14.30
N THR A 391 3.85 23.14 -14.89
CA THR A 391 3.71 22.60 -16.24
C THR A 391 4.63 21.44 -16.56
N SER A 392 4.33 20.85 -17.70
CA SER A 392 4.99 19.68 -18.19
C SER A 392 6.50 19.93 -18.31
N GLY A 393 7.30 19.05 -17.72
CA GLY A 393 8.75 19.20 -17.70
C GLY A 393 9.33 19.86 -16.45
N ASP A 394 8.55 20.66 -15.72
CA ASP A 394 8.95 21.07 -14.38
C ASP A 394 9.27 19.90 -13.43
N PHE A 395 10.19 20.09 -12.51
CA PHE A 395 10.43 19.04 -11.51
C PHE A 395 9.78 19.48 -10.21
N LEU A 396 8.97 18.59 -9.68
CA LEU A 396 8.19 18.88 -8.50
C LEU A 396 8.67 17.93 -7.40
N ALA A 397 8.81 18.43 -6.18
CA ALA A 397 9.22 17.57 -5.09
C ALA A 397 8.36 17.69 -3.86
N LEU A 398 8.12 16.55 -3.21
CA LEU A 398 7.50 16.55 -1.90
C LEU A 398 8.59 16.36 -0.85
N ALA A 399 8.45 17.11 0.24
CA ALA A 399 9.36 17.08 1.36
C ALA A 399 8.92 16.04 2.36
N ALA A 400 9.84 15.62 3.21
CA ALA A 400 9.57 14.71 4.30
C ALA A 400 9.05 13.31 3.91
N THR A 401 9.67 12.69 2.91
CA THR A 401 9.28 11.39 2.39
C THR A 401 10.26 10.27 2.78
N GLY A 402 11.08 10.54 3.79
CA GLY A 402 12.17 9.67 4.16
C GLY A 402 11.71 8.52 5.02
N ALA A 403 10.51 8.67 5.59
CA ALA A 403 9.91 7.71 6.48
C ALA A 403 8.66 7.15 5.87
N TYR A 404 8.53 5.83 6.00
CA TYR A 404 7.36 5.06 5.61
C TYR A 404 7.08 5.05 4.12
N CYS A 405 7.41 6.10 3.34
CA CYS A 405 7.15 6.05 1.92
C CYS A 405 7.82 4.92 1.10
N TYR A 406 9.12 4.92 0.90
CA TYR A 406 9.72 3.85 0.12
C TYR A 406 9.40 2.46 0.65
N ALA A 407 9.33 2.30 1.96
CA ALA A 407 9.11 0.98 2.60
C ALA A 407 7.71 0.43 2.30
N MET A 408 6.74 1.32 2.01
CA MET A 408 5.36 0.95 1.73
C MET A 408 5.06 0.99 0.25
N SER A 409 6.07 1.11 -0.60
CA SER A 409 5.85 1.17 -2.04
C SER A 409 5.47 -0.20 -2.60
N SER A 410 4.78 -0.18 -3.73
CA SER A 410 4.16 -1.35 -4.33
C SER A 410 4.43 -1.28 -5.81
N ARG A 411 4.10 -2.35 -6.54
CA ARG A 411 4.22 -2.35 -8.03
C ARG A 411 2.87 -2.39 -8.67
N TYR A 412 1.97 -1.52 -8.19
CA TYR A 412 0.66 -1.42 -8.75
C TYR A 412 0.81 -0.88 -10.16
N ASN A 413 0.07 -1.46 -11.10
CA ASN A 413 0.20 -1.20 -12.52
C ASN A 413 1.56 -1.57 -13.06
N ALA A 414 2.24 -2.46 -12.34
CA ALA A 414 3.62 -2.82 -12.62
C ALA A 414 4.61 -1.62 -12.68
N PHE A 415 4.39 -0.58 -11.91
CA PHE A 415 5.41 0.50 -11.75
C PHE A 415 6.64 -0.05 -11.01
N THR A 416 7.82 0.34 -11.45
CA THR A 416 9.03 -0.13 -10.79
C THR A 416 9.32 0.74 -9.55
N ARG A 417 9.71 0.13 -8.43
CA ARG A 417 10.20 0.95 -7.30
C ARG A 417 11.27 1.99 -7.74
N PRO A 418 11.14 3.23 -7.23
CA PRO A 418 12.07 4.28 -7.64
C PRO A 418 13.49 4.10 -7.11
N ALA A 419 14.41 4.82 -7.76
CA ALA A 419 15.81 4.88 -7.27
C ALA A 419 15.89 5.68 -5.98
N VAL A 420 16.81 5.29 -5.11
CA VAL A 420 17.14 6.08 -3.93
C VAL A 420 18.62 6.54 -3.96
N VAL A 421 18.80 7.86 -4.02
CA VAL A 421 20.12 8.47 -4.13
C VAL A 421 20.40 9.24 -2.84
N SER A 422 21.61 9.09 -2.28
CA SER A 422 22.06 9.95 -1.19
C SER A 422 23.01 11.00 -1.71
N VAL A 423 23.00 12.13 -1.04
CA VAL A 423 23.87 13.26 -1.31
C VAL A 423 24.63 13.68 -0.04
N ARG A 424 25.87 14.08 -0.25
CA ARG A 424 26.67 14.69 0.79
C ARG A 424 27.83 15.49 0.18
N ALA A 425 28.14 16.62 0.78
CA ALA A 425 29.30 17.42 0.42
C ALA A 425 29.43 17.49 -1.07
N GLY A 426 28.35 17.91 -1.72
CA GLY A 426 28.38 18.18 -3.15
C GLY A 426 28.53 17.03 -4.10
N SER A 427 28.42 15.79 -3.62
CA SER A 427 28.33 14.65 -4.55
C SER A 427 27.21 13.66 -4.17
N SER A 428 26.80 12.89 -5.17
CA SER A 428 25.68 11.97 -5.06
C SER A 428 26.13 10.52 -5.21
N ARG A 429 25.51 9.63 -4.44
CA ARG A 429 25.86 8.21 -4.41
C ARG A 429 24.54 7.43 -4.59
N LEU A 430 24.52 6.43 -5.45
CA LEU A 430 23.34 5.58 -5.58
C LEU A 430 23.26 4.58 -4.41
N MET A 431 22.10 4.56 -3.75
CA MET A 431 21.86 3.69 -2.61
C MET A 431 21.05 2.47 -3.08
N LEU A 432 19.94 2.74 -3.76
CA LEU A 432 19.08 1.67 -4.25
C LEU A 432 18.80 1.93 -5.69
N ARG A 433 19.13 0.96 -6.53
CA ARG A 433 18.86 1.12 -7.95
C ARG A 433 17.36 1.06 -8.17
N ARG A 434 16.91 1.78 -9.15
CA ARG A 434 15.59 1.63 -9.72
C ARG A 434 15.34 0.17 -10.11
N GLU A 435 14.14 -0.31 -9.88
CA GLU A 435 13.74 -1.58 -10.46
C GLU A 435 13.57 -1.48 -11.98
N THR A 436 13.49 -2.64 -12.64
CA THR A 436 13.17 -2.72 -14.06
C THR A 436 12.10 -3.77 -14.29
N LEU A 437 11.57 -3.78 -15.51
CA LEU A 437 10.72 -4.85 -15.99
C LEU A 437 11.31 -6.24 -15.75
N ASP A 438 12.61 -6.43 -16.04
CA ASP A 438 13.31 -7.70 -15.80
C ASP A 438 13.26 -8.12 -14.34
N ASP A 439 13.24 -7.18 -13.39
CA ASP A 439 12.94 -7.54 -11.97
C ASP A 439 11.55 -8.17 -11.85
N ILE A 440 10.58 -7.56 -12.51
CA ILE A 440 9.20 -8.02 -12.42
C ILE A 440 9.10 -9.37 -13.13
N LEU A 441 9.63 -9.48 -14.35
CA LEU A 441 9.56 -10.76 -15.07
C LEU A 441 10.29 -11.91 -14.37
N SER A 442 11.36 -11.62 -13.64
CA SER A 442 12.19 -12.69 -13.03
C SER A 442 11.46 -13.63 -12.01
N LEU A 443 10.37 -13.14 -11.43
CA LEU A 443 9.56 -13.92 -10.53
C LEU A 443 8.72 -14.95 -11.26
N GLU A 444 8.50 -14.78 -12.56
CA GLU A 444 7.95 -15.89 -13.39
C GLU A 444 8.96 -17.01 -13.72
N ALA A 445 10.18 -16.65 -14.18
CA ALA A 445 11.24 -17.60 -14.67
C ALA A 445 11.56 -18.82 -13.77
N THR B 3 -22.14 -19.08 14.59
CA THR B 3 -22.11 -20.47 15.13
C THR B 3 -20.98 -21.34 14.50
N VAL B 4 -20.61 -22.42 15.17
CA VAL B 4 -19.51 -23.32 14.76
C VAL B 4 -19.85 -23.94 13.41
N GLU B 5 -21.13 -24.31 13.25
CA GLU B 5 -21.69 -24.90 12.02
C GLU B 5 -21.35 -24.06 10.79
N ASN B 6 -21.78 -22.80 10.81
CA ASN B 6 -21.62 -21.90 9.68
C ASN B 6 -20.16 -21.67 9.29
N PHE B 7 -19.27 -21.58 10.28
CA PHE B 7 -17.85 -21.40 10.02
C PHE B 7 -17.19 -22.61 9.33
N ASN B 8 -17.76 -23.78 9.54
CA ASN B 8 -17.28 -25.02 8.94
C ASN B 8 -17.84 -25.30 7.55
N GLU B 9 -18.89 -24.58 7.17
CA GLU B 9 -19.34 -24.56 5.78
C GLU B 9 -18.34 -23.79 4.88
N LEU B 10 -18.69 -23.68 3.60
CA LEU B 10 -17.86 -22.97 2.61
C LEU B 10 -18.75 -22.37 1.58
N PRO B 11 -19.05 -21.05 1.69
CA PRO B 11 -20.03 -20.43 0.74
C PRO B 11 -19.54 -20.49 -0.69
N ALA B 12 -20.23 -21.31 -1.49
CA ALA B 12 -19.83 -21.64 -2.87
C ALA B 12 -19.78 -20.40 -3.76
N HIS B 13 -20.71 -19.49 -3.57
CA HIS B 13 -20.74 -18.21 -4.27
C HIS B 13 -19.62 -17.19 -3.99
N VAL B 14 -18.76 -17.47 -3.03
CA VAL B 14 -17.64 -16.60 -2.68
C VAL B 14 -16.32 -17.25 -3.04
N TRP B 15 -16.16 -18.49 -2.58
CA TRP B 15 -14.96 -19.25 -2.79
C TRP B 15 -14.82 -19.64 -4.26
N PRO B 16 -13.66 -20.16 -4.67
CA PRO B 16 -13.51 -20.54 -6.05
C PRO B 16 -14.40 -21.73 -6.44
N ARG B 17 -14.86 -21.69 -7.68
CA ARG B 17 -15.80 -22.65 -8.22
C ARG B 17 -15.41 -24.09 -8.05
N ASN B 18 -14.12 -24.38 -8.09
CA ASN B 18 -13.66 -25.75 -7.89
C ASN B 18 -13.08 -25.93 -6.50
N ALA B 19 -13.64 -25.25 -5.50
CA ALA B 19 -13.25 -25.49 -4.10
C ALA B 19 -14.25 -26.41 -3.43
N VAL B 20 -13.77 -27.29 -2.57
CA VAL B 20 -14.63 -28.21 -1.89
C VAL B 20 -14.18 -28.47 -0.44
N ARG B 21 -15.12 -28.47 0.49
CA ARG B 21 -14.86 -28.91 1.85
C ARG B 21 -15.05 -30.43 1.85
N GLN B 22 -13.98 -31.15 2.09
CA GLN B 22 -14.01 -32.58 2.23
C GLN B 22 -14.59 -32.95 3.60
N GLU B 23 -14.87 -34.23 3.78
CA GLU B 23 -15.49 -34.71 5.01
C GLU B 23 -14.56 -34.67 6.25
N ASP B 24 -13.24 -34.68 6.07
CA ASP B 24 -12.29 -34.41 7.19
C ASP B 24 -12.08 -32.90 7.59
N GLY B 25 -12.72 -31.98 6.87
CA GLY B 25 -12.59 -30.53 7.15
C GLY B 25 -11.59 -29.82 6.23
N VAL B 26 -10.81 -30.58 5.46
CA VAL B 26 -9.83 -30.01 4.57
C VAL B 26 -10.50 -29.40 3.36
N VAL B 27 -10.07 -28.23 2.94
CA VAL B 27 -10.54 -27.69 1.69
C VAL B 27 -9.55 -27.99 0.57
N THR B 28 -10.10 -28.44 -0.56
CA THR B 28 -9.39 -28.70 -1.80
C THR B 28 -9.81 -27.64 -2.81
N VAL B 29 -8.88 -27.29 -3.70
CA VAL B 29 -9.20 -26.42 -4.84
C VAL B 29 -8.69 -27.16 -6.08
N ALA B 30 -9.57 -27.37 -7.07
CA ALA B 30 -9.25 -28.27 -8.21
C ALA B 30 -8.56 -29.59 -7.74
N GLY B 31 -9.09 -30.22 -6.70
CA GLY B 31 -8.62 -31.49 -6.18
C GLY B 31 -7.34 -31.51 -5.36
N VAL B 32 -6.70 -30.36 -5.21
CA VAL B 32 -5.41 -30.25 -4.55
C VAL B 32 -5.64 -29.74 -3.14
N PRO B 33 -5.35 -30.56 -2.13
CA PRO B 33 -5.55 -30.03 -0.76
C PRO B 33 -4.71 -28.77 -0.42
N LEU B 34 -5.39 -27.73 0.04
CA LEU B 34 -4.76 -26.46 0.42
C LEU B 34 -3.65 -26.62 1.47
N PRO B 35 -3.88 -27.45 2.52
CA PRO B 35 -2.79 -27.74 3.43
C PRO B 35 -1.54 -28.36 2.77
N ASP B 36 -1.68 -29.07 1.65
CA ASP B 36 -0.53 -29.66 0.97
C ASP B 36 0.21 -28.58 0.20
N LEU B 37 -0.51 -27.62 -0.38
CA LEU B 37 0.16 -26.46 -1.04
C LEU B 37 0.97 -25.56 -0.07
N ALA B 38 0.43 -25.36 1.12
CA ALA B 38 1.01 -24.54 2.13
C ALA B 38 2.34 -25.13 2.59
N GLU B 39 2.31 -26.42 2.89
CA GLU B 39 3.51 -27.11 3.28
C GLU B 39 4.53 -27.24 2.11
N GLU B 40 4.10 -27.38 0.85
CA GLU B 40 5.09 -27.46 -0.25
C GLU B 40 5.70 -26.10 -0.62
N TYR B 41 4.90 -25.03 -0.68
CA TYR B 41 5.39 -23.73 -1.16
C TYR B 41 5.61 -22.66 -0.09
N GLY B 42 5.27 -22.91 1.17
CA GLY B 42 5.38 -21.90 2.21
C GLY B 42 4.18 -20.96 2.25
N THR B 43 3.87 -20.42 3.43
CA THR B 43 2.84 -19.40 3.55
C THR B 43 3.47 -18.01 3.81
N PRO B 44 2.80 -16.89 3.46
CA PRO B 44 1.47 -16.86 2.89
C PRO B 44 1.49 -17.36 1.47
N LEU B 45 0.39 -17.86 0.96
CA LEU B 45 0.37 -18.36 -0.43
C LEU B 45 -0.86 -17.86 -1.15
N PHE B 46 -0.67 -17.37 -2.37
CA PHE B 46 -1.78 -17.06 -3.24
C PHE B 46 -1.97 -18.29 -4.08
N VAL B 47 -3.22 -18.74 -4.18
CA VAL B 47 -3.56 -19.93 -4.94
C VAL B 47 -4.68 -19.61 -5.90
N VAL B 48 -4.37 -19.78 -7.21
CA VAL B 48 -5.29 -19.43 -8.29
C VAL B 48 -5.90 -20.69 -8.89
N ASP B 49 -7.23 -20.84 -8.72
CA ASP B 49 -8.11 -21.80 -9.47
C ASP B 49 -8.20 -21.40 -10.95
N GLU B 50 -7.32 -21.97 -11.75
CA GLU B 50 -7.24 -21.68 -13.18
C GLU B 50 -8.52 -21.85 -14.00
N ASP B 51 -9.24 -22.96 -13.84
CA ASP B 51 -10.57 -23.08 -14.49
C ASP B 51 -11.57 -22.06 -14.00
N ASP B 52 -11.45 -21.67 -12.73
CA ASP B 52 -12.34 -20.69 -12.26
C ASP B 52 -12.07 -19.42 -13.10
N PHE B 53 -10.81 -18.98 -13.17
CA PHE B 53 -10.44 -17.78 -13.98
C PHE B 53 -11.00 -17.87 -15.40
N ARG B 54 -10.78 -19.02 -16.03
CA ARG B 54 -11.26 -19.22 -17.40
C ARG B 54 -12.79 -19.23 -17.52
N SER B 55 -13.46 -19.79 -16.52
CA SER B 55 -14.94 -19.84 -16.58
C SER B 55 -15.55 -18.44 -16.46
N ARG B 56 -14.82 -17.52 -15.85
CA ARG B 56 -15.33 -16.16 -15.72
C ARG B 56 -15.07 -15.37 -17.01
N CYS B 57 -14.01 -15.75 -17.74
CA CYS B 57 -13.78 -15.23 -19.10
C CYS B 57 -14.91 -15.62 -20.04
N ARG B 58 -15.24 -16.90 -20.02
CA ARG B 58 -16.34 -17.47 -20.83
C ARG B 58 -17.73 -16.93 -20.42
N ASP B 59 -17.99 -16.82 -19.11
CA ASP B 59 -19.27 -16.20 -18.66
C ASP B 59 -19.36 -14.78 -19.20
N MET B 60 -18.26 -14.03 -19.13
CA MET B 60 -18.27 -12.69 -19.68
C MET B 60 -18.45 -12.65 -21.18
N ALA B 61 -17.75 -13.55 -21.87
CA ALA B 61 -17.78 -13.65 -23.33
C ALA B 61 -19.20 -13.95 -23.86
N THR B 62 -19.83 -14.99 -23.33
CA THR B 62 -21.20 -15.30 -23.71
C THR B 62 -22.10 -14.09 -23.55
N ALA B 63 -22.03 -13.49 -22.36
CA ALA B 63 -22.98 -12.43 -21.97
C ALA B 63 -22.87 -11.15 -22.80
N PHE B 64 -21.66 -10.73 -23.20
CA PHE B 64 -21.47 -9.52 -24.04
C PHE B 64 -21.25 -9.80 -25.54
N GLY B 65 -21.61 -11.01 -25.97
CA GLY B 65 -21.74 -11.34 -27.38
C GLY B 65 -20.41 -11.69 -28.07
N GLY B 66 -19.44 -12.24 -27.33
CA GLY B 66 -18.22 -12.80 -27.92
C GLY B 66 -16.95 -12.45 -27.16
N PRO B 67 -15.91 -13.29 -27.26
CA PRO B 67 -14.74 -13.02 -26.43
C PRO B 67 -14.05 -11.65 -26.63
N GLY B 68 -14.12 -11.09 -27.84
CA GLY B 68 -13.32 -9.93 -28.20
C GLY B 68 -13.96 -8.61 -27.82
N ASN B 69 -15.17 -8.64 -27.32
CA ASN B 69 -15.79 -7.46 -26.71
C ASN B 69 -15.50 -7.36 -25.22
N VAL B 70 -14.86 -8.38 -24.66
CA VAL B 70 -14.49 -8.35 -23.25
C VAL B 70 -12.99 -8.18 -23.16
N HIS B 71 -12.57 -7.12 -22.47
CA HIS B 71 -11.18 -6.82 -22.20
C HIS B 71 -10.94 -7.20 -20.74
N TYR B 72 -9.86 -7.94 -20.42
CA TYR B 72 -9.47 -8.14 -19.02
C TYR B 72 -8.67 -6.98 -18.51
N ALA B 73 -9.09 -6.37 -17.41
CA ALA B 73 -8.36 -5.23 -16.83
C ALA B 73 -7.16 -5.72 -16.02
N SER B 74 -5.97 -5.58 -16.59
CA SER B 74 -4.79 -6.20 -16.01
C SER B 74 -4.34 -5.54 -14.71
N LYS B 75 -4.72 -4.28 -14.48
CA LYS B 75 -4.63 -3.67 -13.12
C LYS B 75 -4.93 -4.63 -11.96
N ALA B 76 -5.92 -5.50 -12.13
CA ALA B 76 -6.26 -6.46 -11.06
C ALA B 76 -5.18 -7.46 -10.70
N PHE B 77 -4.40 -7.90 -11.71
CA PHE B 77 -3.35 -8.93 -11.59
C PHE B 77 -2.92 -9.28 -13.01
N LEU B 78 -1.63 -9.17 -13.28
CA LEU B 78 -1.07 -9.48 -14.57
C LEU B 78 0.23 -10.22 -14.38
N THR B 79 0.33 -11.39 -14.99
CA THR B 79 1.58 -12.11 -15.19
C THR B 79 1.61 -12.64 -16.65
N LYS B 80 2.76 -13.09 -17.09
CA LYS B 80 2.88 -13.87 -18.35
C LYS B 80 1.87 -14.99 -18.47
N THR B 81 1.68 -15.77 -17.41
CA THR B 81 0.70 -16.88 -17.40
C THR B 81 -0.73 -16.39 -17.63
N ILE B 82 -1.17 -15.40 -16.84
CA ILE B 82 -2.52 -14.78 -16.97
C ILE B 82 -2.74 -14.19 -18.34
N ALA B 83 -1.71 -13.52 -18.87
CA ALA B 83 -1.79 -12.99 -20.22
C ALA B 83 -2.10 -14.11 -21.25
N ARG B 84 -1.41 -15.23 -21.13
CA ARG B 84 -1.61 -16.33 -22.05
C ARG B 84 -3.01 -16.96 -21.93
N TRP B 85 -3.51 -17.15 -20.67
CA TRP B 85 -4.91 -17.60 -20.42
C TRP B 85 -5.91 -16.69 -21.09
N VAL B 86 -5.73 -15.40 -20.92
CA VAL B 86 -6.62 -14.40 -21.51
C VAL B 86 -6.54 -14.49 -23.03
N ASP B 87 -5.31 -14.68 -23.54
CA ASP B 87 -5.09 -14.81 -24.97
C ASP B 87 -5.88 -15.98 -25.49
N GLU B 88 -5.67 -17.16 -24.90
CA GLU B 88 -6.35 -18.41 -25.29
C GLU B 88 -7.88 -18.38 -25.28
N GLU B 89 -8.49 -17.66 -24.32
CA GLU B 89 -9.95 -17.54 -24.28
C GLU B 89 -10.46 -16.50 -25.28
N GLY B 90 -9.57 -15.88 -26.05
CA GLY B 90 -9.98 -14.89 -27.06
C GLY B 90 -10.38 -13.49 -26.60
N LEU B 91 -10.07 -13.14 -25.34
CA LEU B 91 -10.41 -11.82 -24.80
C LEU B 91 -9.43 -10.76 -25.23
N ALA B 92 -9.88 -9.53 -25.13
CA ALA B 92 -8.99 -8.37 -25.22
C ALA B 92 -8.24 -8.17 -23.86
N LEU B 93 -7.22 -7.33 -23.84
CA LEU B 93 -6.41 -7.03 -22.65
C LEU B 93 -6.32 -5.52 -22.48
N ASP B 94 -6.69 -5.01 -21.29
CA ASP B 94 -6.48 -3.62 -20.89
C ASP B 94 -5.15 -3.51 -20.23
N ILE B 95 -4.40 -2.53 -20.65
CA ILE B 95 -3.06 -2.23 -20.16
C ILE B 95 -3.15 -0.81 -19.65
N ALA B 96 -2.30 -0.44 -18.70
CA ALA B 96 -2.22 0.96 -18.28
C ALA B 96 -0.83 1.49 -17.95
N SER B 97 0.22 0.82 -18.36
CA SER B 97 1.55 1.39 -18.19
C SER B 97 2.46 0.70 -19.17
N ILE B 98 3.61 1.27 -19.43
CA ILE B 98 4.56 0.59 -20.32
C ILE B 98 4.96 -0.81 -19.84
N ASN B 99 4.97 -1.05 -18.53
CA ASN B 99 5.47 -2.31 -17.98
C ASN B 99 4.42 -3.41 -18.09
N GLU B 100 3.14 -3.03 -18.00
CA GLU B 100 2.02 -3.97 -18.21
C GLU B 100 2.03 -4.42 -19.68
N LEU B 101 2.25 -3.46 -20.59
CA LEU B 101 2.49 -3.76 -22.01
C LEU B 101 3.65 -4.73 -22.17
N GLY B 102 4.76 -4.41 -21.52
CA GLY B 102 5.90 -5.30 -21.47
C GLY B 102 5.60 -6.74 -21.08
N ILE B 103 4.81 -6.91 -20.03
CA ILE B 103 4.45 -8.28 -19.60
C ILE B 103 3.61 -8.96 -20.67
N ALA B 104 2.67 -8.22 -21.25
CA ALA B 104 1.76 -8.75 -22.28
C ALA B 104 2.53 -9.23 -23.52
N LEU B 105 3.42 -8.37 -24.02
CA LEU B 105 4.22 -8.70 -25.23
C LEU B 105 5.16 -9.87 -24.97
N ALA B 106 5.78 -9.87 -23.79
CA ALA B 106 6.64 -10.97 -23.39
C ALA B 106 5.98 -12.34 -23.37
N ALA B 107 4.65 -12.36 -23.12
CA ALA B 107 3.88 -13.61 -23.07
C ALA B 107 3.27 -13.97 -24.42
N GLY B 108 3.55 -13.17 -25.45
CA GLY B 108 3.09 -13.44 -26.79
C GLY B 108 1.78 -12.78 -27.16
N PHE B 109 1.16 -12.07 -26.20
CA PHE B 109 -0.19 -11.49 -26.38
C PHE B 109 -0.22 -10.54 -27.58
N PRO B 110 -1.12 -10.81 -28.55
CA PRO B 110 -1.18 -9.95 -29.73
C PRO B 110 -1.54 -8.52 -29.41
N ALA B 111 -0.67 -7.61 -29.81
CA ALA B 111 -0.85 -6.17 -29.61
C ALA B 111 -2.15 -5.61 -30.21
N SER B 112 -2.68 -6.23 -31.26
CA SER B 112 -3.91 -5.74 -31.90
C SER B 112 -5.14 -5.92 -30.98
N ARG B 113 -5.02 -6.81 -30.01
CA ARG B 113 -6.09 -7.02 -29.04
C ARG B 113 -5.84 -6.30 -27.68
N ILE B 114 -4.90 -5.33 -27.65
CA ILE B 114 -4.56 -4.55 -26.46
C ILE B 114 -5.23 -3.18 -26.55
N THR B 115 -5.93 -2.76 -25.49
CA THR B 115 -6.43 -1.39 -25.39
C THR B 115 -5.55 -0.73 -24.33
N ALA B 116 -5.14 0.52 -24.56
CA ALA B 116 -4.14 1.20 -23.70
C ALA B 116 -4.69 2.39 -22.93
N HIS B 117 -4.75 2.25 -21.60
CA HIS B 117 -5.17 3.34 -20.72
C HIS B 117 -4.02 3.99 -19.97
N GLY B 118 -4.27 5.21 -19.50
CA GLY B 118 -3.31 5.94 -18.67
C GLY B 118 -3.68 7.39 -18.70
N ASN B 119 -3.75 8.01 -17.53
CA ASN B 119 -4.01 9.47 -17.40
C ASN B 119 -2.82 10.36 -17.65
N ASN B 120 -1.63 9.77 -17.74
CA ASN B 120 -0.43 10.59 -17.98
C ASN B 120 0.62 9.80 -18.76
N LYS B 121 0.28 9.41 -19.96
CA LYS B 121 1.14 8.57 -20.79
C LYS B 121 2.30 9.41 -21.27
N GLY B 122 3.50 9.03 -20.87
CA GLY B 122 4.68 9.65 -21.50
C GLY B 122 4.88 9.36 -23.00
N VAL B 123 5.87 10.06 -23.57
CA VAL B 123 6.22 9.87 -24.98
C VAL B 123 6.91 8.53 -25.27
N GLU B 124 7.64 7.96 -24.32
CA GLU B 124 8.20 6.61 -24.48
C GLU B 124 7.08 5.56 -24.60
N PHE B 125 6.05 5.69 -23.75
CA PHE B 125 4.96 4.72 -23.66
C PHE B 125 4.16 4.72 -24.95
N LEU B 126 3.81 5.91 -25.42
CA LEU B 126 3.09 6.10 -26.70
C LEU B 126 3.81 5.51 -27.92
N ARG B 127 5.10 5.82 -28.07
CA ARG B 127 5.93 5.26 -29.14
C ARG B 127 5.87 3.77 -29.15
N ALA B 128 6.09 3.15 -27.99
CA ALA B 128 6.00 1.68 -27.85
C ALA B 128 4.61 1.12 -28.27
N LEU B 129 3.55 1.85 -27.97
CA LEU B 129 2.22 1.40 -28.30
C LEU B 129 2.01 1.46 -29.77
N VAL B 130 2.37 2.60 -30.37
CA VAL B 130 2.19 2.79 -31.81
C VAL B 130 3.12 1.84 -32.59
N GLN B 131 4.39 1.81 -32.22
CA GLN B 131 5.35 0.87 -32.82
C GLN B 131 4.90 -0.59 -32.79
N ASN B 132 4.35 -1.07 -31.66
CA ASN B 132 3.82 -2.45 -31.60
C ASN B 132 2.40 -2.58 -32.19
N GLY B 133 1.80 -1.51 -32.73
CA GLY B 133 0.49 -1.61 -33.39
C GLY B 133 -0.64 -2.09 -32.46
N VAL B 134 -0.80 -1.35 -31.38
CA VAL B 134 -1.78 -1.66 -30.37
C VAL B 134 -3.14 -1.32 -30.91
N GLY B 135 -4.12 -2.12 -30.48
CA GLY B 135 -5.49 -2.05 -30.98
C GLY B 135 -6.12 -0.68 -30.79
N HIS B 136 -6.13 -0.22 -29.54
CA HIS B 136 -6.78 1.04 -29.16
C HIS B 136 -5.88 1.80 -28.21
N VAL B 137 -5.81 3.11 -28.37
CA VAL B 137 -5.35 4.01 -27.33
C VAL B 137 -6.53 4.86 -26.83
N VAL B 138 -6.71 4.86 -25.51
CA VAL B 138 -7.80 5.55 -24.84
C VAL B 138 -7.31 6.88 -24.33
N LEU B 139 -7.76 7.98 -24.93
CA LEU B 139 -7.21 9.30 -24.66
C LEU B 139 -7.77 9.95 -23.38
N ASP B 140 -6.84 10.47 -22.57
CA ASP B 140 -7.13 11.12 -21.30
C ASP B 140 -7.23 12.66 -21.33
N SER B 141 -6.43 13.32 -22.19
CA SER B 141 -6.31 14.79 -22.17
C SER B 141 -6.04 15.34 -23.54
N ALA B 142 -6.26 16.64 -23.69
CA ALA B 142 -5.87 17.35 -24.91
C ALA B 142 -4.41 17.11 -25.24
N GLN B 143 -3.56 17.10 -24.21
CA GLN B 143 -2.09 16.92 -24.37
C GLN B 143 -1.75 15.52 -24.89
N GLU B 144 -2.41 14.49 -24.39
CA GLU B 144 -2.18 13.12 -24.92
C GLU B 144 -2.62 13.00 -26.38
N LEU B 145 -3.71 13.68 -26.70
CA LEU B 145 -4.27 13.70 -28.00
C LEU B 145 -3.26 14.31 -28.99
N GLU B 146 -2.68 15.45 -28.66
CA GLU B 146 -1.74 16.13 -29.56
C GLU B 146 -0.43 15.35 -29.70
N LEU B 147 0.07 14.82 -28.59
CA LEU B 147 1.31 14.04 -28.56
C LEU B 147 1.15 12.66 -29.22
N LEU B 148 -0.04 12.08 -29.17
CA LEU B 148 -0.26 10.82 -29.86
C LEU B 148 -0.26 11.06 -31.37
N ASP B 149 -0.78 12.22 -31.79
CA ASP B 149 -0.80 12.56 -33.21
C ASP B 149 0.63 12.69 -33.79
N TYR B 150 1.46 13.53 -33.16
CA TYR B 150 2.89 13.66 -33.51
C TYR B 150 3.59 12.29 -33.56
N VAL B 151 3.41 11.46 -32.54
CA VAL B 151 4.09 10.14 -32.49
C VAL B 151 3.56 9.19 -33.57
N ALA B 152 2.28 9.31 -33.90
CA ALA B 152 1.71 8.53 -34.96
C ALA B 152 2.26 8.97 -36.33
N ALA B 153 2.27 10.29 -36.57
CA ALA B 153 2.82 10.88 -37.81
C ALA B 153 4.30 10.56 -37.93
N GLY B 154 5.04 10.67 -36.83
CA GLY B 154 6.48 10.30 -36.80
C GLY B 154 6.76 8.87 -37.23
N GLU B 155 5.75 8.03 -37.12
CA GLU B 155 5.82 6.65 -37.56
C GLU B 155 4.99 6.51 -38.84
N GLY B 156 4.85 5.29 -39.33
CA GLY B 156 4.03 5.08 -40.52
C GLY B 156 2.57 5.40 -40.30
N LYS B 157 2.12 5.24 -39.05
CA LYS B 157 0.82 4.66 -38.78
C LYS B 157 -0.32 5.63 -38.46
N ILE B 158 -1.53 5.11 -38.53
CA ILE B 158 -2.75 5.75 -38.01
C ILE B 158 -3.20 4.96 -36.77
N GLN B 159 -3.62 5.63 -35.71
CA GLN B 159 -3.87 4.93 -34.44
C GLN B 159 -5.33 4.96 -34.10
N ASP B 160 -5.97 3.80 -34.03
CA ASP B 160 -7.36 3.72 -33.51
C ASP B 160 -7.42 4.26 -32.07
N VAL B 161 -8.27 5.25 -31.83
CA VAL B 161 -8.43 5.80 -30.49
C VAL B 161 -9.85 5.78 -29.96
N LEU B 162 -9.97 5.65 -28.64
CA LEU B 162 -11.20 6.02 -27.93
C LEU B 162 -10.91 7.20 -27.06
N ILE B 163 -11.97 7.93 -26.72
CA ILE B 163 -11.89 9.08 -25.84
C ILE B 163 -12.66 8.81 -24.55
N ARG B 164 -11.98 8.98 -23.42
CA ARG B 164 -12.62 8.79 -22.13
C ARG B 164 -13.50 10.01 -21.81
N VAL B 165 -14.71 9.75 -21.36
CA VAL B 165 -15.73 10.76 -21.09
C VAL B 165 -16.22 10.58 -19.66
N LYS B 166 -16.45 11.67 -18.97
CA LYS B 166 -17.05 11.65 -17.63
C LYS B 166 -18.52 12.03 -17.76
N PRO B 167 -19.43 11.02 -17.75
CA PRO B 167 -20.85 11.30 -17.89
C PRO B 167 -21.52 11.82 -16.63
N GLY B 168 -20.85 11.81 -15.48
CA GLY B 168 -21.40 12.26 -14.20
C GLY B 168 -22.20 11.20 -13.46
N ILE B 169 -21.74 9.98 -13.53
CA ILE B 169 -22.38 8.86 -12.87
C ILE B 169 -21.26 8.08 -12.14
N GLU B 170 -21.52 7.76 -10.89
CA GLU B 170 -20.61 6.99 -10.07
C GLU B 170 -21.50 5.89 -9.51
N ALA B 171 -21.35 4.66 -10.01
CA ALA B 171 -22.15 3.50 -9.62
C ALA B 171 -21.53 2.56 -8.58
N HIS B 172 -22.26 2.35 -7.50
CA HIS B 172 -21.85 1.48 -6.42
C HIS B 172 -22.83 0.31 -6.32
N THR B 173 -22.57 -0.54 -5.35
CA THR B 173 -23.36 -1.73 -5.10
C THR B 173 -24.85 -1.46 -4.90
N HIS B 174 -25.16 -0.61 -3.93
CA HIS B 174 -26.53 -0.32 -3.55
C HIS B 174 -27.10 1.01 -4.13
N GLU B 175 -26.30 1.77 -4.84
CA GLU B 175 -26.76 3.07 -5.25
C GLU B 175 -25.86 3.53 -6.34
N PHE B 176 -26.35 4.46 -7.15
CA PHE B 176 -25.46 5.26 -7.98
C PHE B 176 -25.71 6.69 -7.65
N ILE B 177 -24.72 7.53 -7.98
CA ILE B 177 -24.71 8.95 -7.65
C ILE B 177 -24.52 9.74 -8.94
N ALA B 178 -25.39 10.73 -9.17
CA ALA B 178 -25.37 11.47 -10.43
C ALA B 178 -25.10 12.95 -10.24
N THR B 179 -24.16 13.47 -11.01
CA THR B 179 -23.78 14.86 -10.94
C THR B 179 -23.72 15.39 -12.36
N SER B 180 -23.55 16.68 -12.51
CA SER B 180 -23.15 17.27 -13.79
C SER B 180 -21.71 16.90 -14.19
N HIS B 181 -20.77 17.04 -13.26
CA HIS B 181 -19.35 16.87 -13.53
C HIS B 181 -18.77 15.95 -12.49
N GLU B 182 -17.69 15.25 -12.86
CA GLU B 182 -17.02 14.34 -11.94
C GLU B 182 -15.72 15.02 -11.59
N ASP B 183 -15.50 15.30 -10.31
CA ASP B 183 -14.26 15.96 -9.83
C ASP B 183 -13.17 14.91 -9.70
N GLN B 184 -12.60 14.56 -10.85
CA GLN B 184 -11.58 13.50 -10.88
C GLN B 184 -10.68 13.56 -12.10
N LYS B 185 -9.51 12.93 -11.99
CA LYS B 185 -8.40 13.21 -12.90
C LYS B 185 -8.54 12.73 -14.34
N PHE B 186 -9.49 11.83 -14.61
CA PHE B 186 -9.60 11.15 -15.91
C PHE B 186 -10.46 11.85 -16.94
N GLY B 187 -10.05 11.71 -18.21
CA GLY B 187 -10.90 12.07 -19.37
C GLY B 187 -11.43 13.48 -19.47
N PHE B 188 -12.49 13.64 -20.24
CA PHE B 188 -13.09 14.94 -20.56
C PHE B 188 -14.50 15.01 -19.97
N SER B 189 -14.94 16.11 -19.36
CA SER B 189 -16.38 16.26 -19.06
C SER B 189 -17.29 16.15 -20.27
N LEU B 190 -18.28 15.29 -20.17
CA LEU B 190 -19.45 15.40 -21.02
C LEU B 190 -20.11 16.79 -20.95
N ALA B 191 -20.43 17.28 -19.76
CA ALA B 191 -21.29 18.44 -19.59
C ALA B 191 -20.71 19.82 -20.00
N SER B 192 -19.40 20.02 -19.97
CA SER B 192 -18.80 21.29 -20.43
C SER B 192 -18.61 21.36 -21.96
N GLY B 193 -18.99 20.31 -22.68
CA GLY B 193 -18.72 20.17 -24.11
C GLY B 193 -17.30 19.73 -24.46
N SER B 194 -16.54 19.37 -23.44
CA SER B 194 -15.11 19.20 -23.60
C SER B 194 -14.88 17.85 -24.24
N ALA B 195 -15.73 16.88 -23.90
CA ALA B 195 -15.77 15.58 -24.58
C ALA B 195 -16.06 15.71 -26.08
N PHE B 196 -17.01 16.58 -26.43
CA PHE B 196 -17.32 16.85 -27.84
C PHE B 196 -16.19 17.54 -28.62
N GLU B 197 -15.54 18.52 -28.02
CA GLU B 197 -14.30 19.12 -28.59
C GLU B 197 -13.07 18.16 -28.73
N ALA B 198 -12.94 17.18 -27.83
CA ALA B 198 -11.93 16.11 -27.99
C ALA B 198 -12.28 15.18 -29.14
N ALA B 199 -13.57 14.91 -29.32
CA ALA B 199 -14.02 14.04 -30.42
C ALA B 199 -13.76 14.76 -31.75
N LYS B 200 -14.18 16.03 -31.84
CA LYS B 200 -13.80 16.91 -32.95
C LYS B 200 -12.28 16.92 -33.28
N ALA B 201 -11.45 17.19 -32.27
CA ALA B 201 -9.99 17.23 -32.48
C ALA B 201 -9.36 15.89 -32.97
N ALA B 202 -9.91 14.77 -32.51
CA ALA B 202 -9.48 13.42 -32.94
C ALA B 202 -10.03 13.03 -34.30
N ASN B 203 -11.18 13.58 -34.69
CA ASN B 203 -11.72 13.47 -36.05
C ASN B 203 -10.73 14.10 -37.07
N ASN B 204 -10.47 15.40 -36.85
CA ASN B 204 -9.52 16.24 -37.60
C ASN B 204 -8.08 15.75 -37.68
N ALA B 205 -7.61 15.04 -36.66
CA ALA B 205 -6.23 14.59 -36.59
C ALA B 205 -5.95 13.55 -37.67
N GLU B 206 -4.98 13.83 -38.55
CA GLU B 206 -4.64 12.96 -39.69
C GLU B 206 -4.03 11.62 -39.31
N ASN B 207 -3.37 11.53 -38.16
CA ASN B 207 -2.82 10.25 -37.71
C ASN B 207 -3.57 9.59 -36.56
N LEU B 208 -4.81 10.02 -36.32
CA LEU B 208 -5.72 9.34 -35.40
C LEU B 208 -7.03 9.05 -36.09
N ASN B 209 -7.53 7.83 -35.85
CA ASN B 209 -8.86 7.40 -36.24
C ASN B 209 -9.78 7.13 -35.02
N LEU B 210 -10.80 7.96 -34.86
CA LEU B 210 -11.73 7.85 -33.74
C LEU B 210 -12.78 6.80 -33.97
N VAL B 211 -12.81 5.83 -33.06
CA VAL B 211 -13.61 4.60 -33.17
C VAL B 211 -14.74 4.49 -32.10
N GLY B 212 -14.76 5.40 -31.12
CA GLY B 212 -15.76 5.37 -30.06
C GLY B 212 -15.35 6.08 -28.77
N LEU B 213 -16.28 6.17 -27.85
CA LEU B 213 -16.03 6.74 -26.55
C LEU B 213 -15.93 5.64 -25.50
N HIS B 214 -15.20 5.94 -24.43
CA HIS B 214 -15.00 5.09 -23.29
C HIS B 214 -15.51 5.81 -22.06
N CYS B 215 -16.13 5.08 -21.13
CA CYS B 215 -16.28 5.57 -19.75
C CYS B 215 -16.12 4.46 -18.73
N HIS B 216 -15.88 4.85 -17.48
CA HIS B 216 -15.72 3.90 -16.38
C HIS B 216 -16.39 4.52 -15.20
N VAL B 217 -17.46 3.88 -14.75
CA VAL B 217 -18.35 4.50 -13.77
C VAL B 217 -18.68 3.65 -12.56
N GLY B 218 -18.09 2.48 -12.44
CA GLY B 218 -18.58 1.48 -11.53
C GLY B 218 -17.55 0.95 -10.57
N SER B 219 -18.03 0.57 -9.41
CA SER B 219 -17.22 -0.23 -8.49
C SER B 219 -18.13 -1.14 -7.69
N GLN B 220 -17.87 -2.42 -7.77
CA GLN B 220 -18.66 -3.40 -7.07
C GLN B 220 -20.16 -3.25 -7.38
N VAL B 221 -20.47 -3.26 -8.67
CA VAL B 221 -21.81 -3.04 -9.19
C VAL B 221 -22.51 -4.40 -9.45
N PHE B 222 -23.76 -4.56 -9.00
CA PHE B 222 -24.47 -5.82 -9.22
C PHE B 222 -25.69 -5.80 -10.13
N ASP B 223 -26.12 -4.62 -10.57
CA ASP B 223 -27.24 -4.43 -11.51
C ASP B 223 -26.82 -3.40 -12.56
N ALA B 224 -27.66 -3.14 -13.54
CA ALA B 224 -27.28 -2.38 -14.71
C ALA B 224 -27.72 -0.92 -14.72
N GLU B 225 -28.48 -0.47 -13.72
CA GLU B 225 -29.16 0.82 -13.75
C GLU B 225 -28.25 2.05 -13.80
N GLY B 226 -27.18 2.06 -13.02
CA GLY B 226 -26.13 3.09 -13.13
C GLY B 226 -25.47 3.07 -14.51
N PHE B 227 -25.15 1.87 -14.99
CA PHE B 227 -24.56 1.72 -16.31
C PHE B 227 -25.51 2.20 -17.43
N LYS B 228 -26.81 1.95 -17.29
CA LYS B 228 -27.82 2.47 -18.23
C LYS B 228 -27.85 3.97 -18.23
N LEU B 229 -27.83 4.59 -17.09
CA LEU B 229 -27.85 6.02 -17.06
C LEU B 229 -26.53 6.58 -17.61
N ALA B 230 -25.40 5.93 -17.29
CA ALA B 230 -24.11 6.34 -17.90
C ALA B 230 -24.21 6.26 -19.43
N ALA B 231 -24.76 5.13 -19.89
CA ALA B 231 -24.88 4.87 -21.31
C ALA B 231 -25.82 5.83 -22.01
N GLU B 232 -26.96 6.17 -21.42
CA GLU B 232 -27.88 7.17 -21.99
C GLU B 232 -27.19 8.53 -22.25
N ARG B 233 -26.44 8.97 -21.25
CA ARG B 233 -25.76 10.24 -21.32
C ARG B 233 -24.68 10.27 -22.40
N VAL B 234 -23.90 9.20 -22.46
CA VAL B 234 -22.84 9.07 -23.41
C VAL B 234 -23.40 8.92 -24.81
N LEU B 235 -24.56 8.24 -24.94
CA LEU B 235 -25.23 8.09 -26.25
C LEU B 235 -25.87 9.38 -26.73
N GLY B 236 -26.14 10.31 -25.82
CA GLY B 236 -26.53 11.69 -26.20
C GLY B 236 -25.41 12.34 -26.99
N LEU B 237 -24.19 12.04 -26.58
CA LEU B 237 -23.02 12.54 -27.25
C LEU B 237 -22.77 11.78 -28.56
N TYR B 238 -23.04 10.47 -28.64
CA TYR B 238 -22.97 9.74 -29.93
C TYR B 238 -23.92 10.34 -30.96
N SER B 239 -25.07 10.79 -30.49
CA SER B 239 -26.08 11.49 -31.30
C SER B 239 -25.61 12.88 -31.75
N GLN B 240 -25.09 13.70 -30.84
CA GLN B 240 -24.61 15.04 -31.16
C GLN B 240 -23.46 14.93 -32.20
N ILE B 241 -22.60 13.92 -32.03
CA ILE B 241 -21.51 13.66 -32.95
C ILE B 241 -22.10 13.26 -34.31
N HIS B 242 -23.07 12.37 -34.32
CA HIS B 242 -23.69 11.97 -35.56
C HIS B 242 -24.29 13.15 -36.31
N SER B 243 -25.07 13.96 -35.64
CA SER B 243 -25.79 15.03 -36.33
C SER B 243 -24.98 16.33 -36.57
N GLU B 244 -23.92 16.57 -35.81
CA GLU B 244 -23.07 17.78 -35.94
C GLU B 244 -21.79 17.59 -36.77
N LEU B 245 -21.32 16.36 -36.86
CA LEU B 245 -20.10 16.04 -37.55
C LEU B 245 -20.31 14.98 -38.61
N GLY B 246 -21.49 14.35 -38.63
CA GLY B 246 -21.82 13.27 -39.55
C GLY B 246 -21.19 11.92 -39.29
N VAL B 247 -20.47 11.78 -38.19
CA VAL B 247 -19.70 10.56 -37.91
C VAL B 247 -20.56 9.52 -37.16
N ALA B 248 -20.47 8.26 -37.59
CA ALA B 248 -21.05 7.11 -36.87
C ALA B 248 -19.93 6.42 -36.11
N LEU B 249 -20.22 6.02 -34.88
CA LEU B 249 -19.16 5.44 -34.05
C LEU B 249 -19.49 4.01 -33.81
N PRO B 250 -18.61 3.09 -34.20
CA PRO B 250 -18.93 1.66 -34.12
C PRO B 250 -18.89 1.05 -32.72
N GLU B 251 -18.08 1.60 -31.83
CA GLU B 251 -17.87 1.00 -30.52
C GLU B 251 -18.28 1.94 -29.41
N LEU B 252 -18.72 1.35 -28.32
CA LEU B 252 -18.95 2.07 -27.04
C LEU B 252 -18.30 1.23 -25.96
N ASP B 253 -17.41 1.81 -25.14
CA ASP B 253 -16.67 1.03 -24.11
C ASP B 253 -17.14 1.55 -22.75
N LEU B 254 -17.74 0.65 -21.97
CA LEU B 254 -18.51 1.02 -20.76
C LEU B 254 -17.79 0.67 -19.47
N GLY B 255 -16.59 0.14 -19.57
CA GLY B 255 -15.71 0.01 -18.43
C GLY B 255 -15.99 -1.28 -17.69
N GLY B 256 -15.36 -1.41 -16.54
CA GLY B 256 -15.70 -2.44 -15.60
C GLY B 256 -16.40 -1.91 -14.39
N GLY B 257 -15.97 -2.45 -13.25
CA GLY B 257 -16.62 -2.22 -11.96
C GLY B 257 -17.67 -3.26 -11.63
N TYR B 258 -17.62 -4.41 -12.27
CA TYR B 258 -18.55 -5.50 -11.97
C TYR B 258 -18.12 -6.19 -10.69
N GLY B 259 -19.10 -6.42 -9.82
CA GLY B 259 -18.85 -6.84 -8.46
C GLY B 259 -18.67 -8.33 -8.25
N ILE B 260 -18.05 -8.68 -7.12
CA ILE B 260 -18.02 -10.06 -6.67
C ILE B 260 -18.42 -10.08 -5.24
N ALA B 261 -18.89 -11.23 -4.78
CA ALA B 261 -19.23 -11.43 -3.39
C ALA B 261 -17.96 -11.68 -2.64
N TYR B 262 -17.66 -10.85 -1.65
CA TYR B 262 -16.53 -11.09 -0.71
C TYR B 262 -16.95 -11.85 0.55
N THR B 263 -18.22 -11.73 0.94
CA THR B 263 -18.69 -12.38 2.19
C THR B 263 -19.97 -13.17 1.96
N ALA B 264 -20.22 -14.08 2.89
CA ALA B 264 -21.35 -15.03 2.78
C ALA B 264 -22.71 -14.35 2.61
N ALA B 265 -22.92 -13.17 3.18
CA ALA B 265 -24.19 -12.46 3.04
C ALA B 265 -24.43 -11.82 1.65
N GLU B 266 -23.35 -11.44 0.95
CA GLU B 266 -23.47 -10.80 -0.37
C GLU B 266 -23.98 -11.82 -1.41
N GLU B 267 -24.84 -11.38 -2.34
CA GLU B 267 -25.23 -12.20 -3.50
C GLU B 267 -24.14 -12.12 -4.61
N PRO B 268 -23.90 -13.25 -5.34
CA PRO B 268 -22.90 -13.26 -6.42
C PRO B 268 -23.40 -12.44 -7.56
N LEU B 269 -22.51 -12.07 -8.48
CA LEU B 269 -22.93 -11.30 -9.68
C LEU B 269 -23.68 -12.22 -10.62
N ASN B 270 -24.73 -11.71 -11.27
CA ASN B 270 -25.31 -12.41 -12.41
C ASN B 270 -25.09 -11.70 -13.77
N VAL B 271 -23.97 -12.02 -14.41
CA VAL B 271 -23.54 -11.40 -15.66
C VAL B 271 -24.63 -11.36 -16.70
N ALA B 272 -25.19 -12.54 -16.94
CA ALA B 272 -26.13 -12.71 -18.01
C ALA B 272 -27.31 -11.75 -17.82
N GLU B 273 -27.86 -11.62 -16.61
CA GLU B 273 -28.98 -10.66 -16.43
C GLU B 273 -28.55 -9.21 -16.66
N VAL B 274 -27.41 -8.85 -16.05
CA VAL B 274 -26.85 -7.50 -16.15
C VAL B 274 -26.54 -7.15 -17.62
N ALA B 275 -25.82 -8.05 -18.30
CA ALA B 275 -25.56 -7.94 -19.76
C ALA B 275 -26.86 -7.85 -20.59
N SER B 276 -27.84 -8.72 -20.32
CA SER B 276 -29.13 -8.64 -21.01
C SER B 276 -29.86 -7.30 -20.81
N ASP B 277 -30.02 -6.85 -19.58
CA ASP B 277 -30.62 -5.53 -19.32
C ASP B 277 -29.82 -4.39 -20.04
N LEU B 278 -28.49 -4.40 -19.99
CA LEU B 278 -27.73 -3.24 -20.48
C LEU B 278 -27.65 -3.16 -22.02
N LEU B 279 -27.43 -4.30 -22.66
CA LEU B 279 -27.37 -4.34 -24.12
C LEU B 279 -28.69 -3.91 -24.74
N THR B 280 -29.78 -4.41 -24.12
CA THR B 280 -31.10 -4.16 -24.58
C THR B 280 -31.34 -2.69 -24.51
N ALA B 281 -31.11 -2.13 -23.34
CA ALA B 281 -31.27 -0.66 -23.13
C ALA B 281 -30.48 0.21 -24.12
N VAL B 282 -29.22 -0.16 -24.35
CA VAL B 282 -28.39 0.48 -25.38
C VAL B 282 -29.15 0.42 -26.69
N GLY B 283 -29.47 -0.80 -27.15
CA GLY B 283 -30.30 -1.01 -28.35
C GLY B 283 -31.53 -0.12 -28.46
N LYS B 284 -32.32 -0.03 -27.41
CA LYS B 284 -33.55 0.76 -27.49
C LYS B 284 -33.20 2.21 -27.57
N MET B 285 -32.17 2.61 -26.85
CA MET B 285 -31.70 3.99 -26.80
C MET B 285 -31.13 4.44 -28.14
N ALA B 286 -30.33 3.59 -28.80
CA ALA B 286 -29.76 3.89 -30.14
C ALA B 286 -30.88 4.02 -31.17
N ALA B 287 -31.91 3.17 -31.04
CA ALA B 287 -33.08 3.23 -31.89
C ALA B 287 -33.84 4.55 -31.69
N GLU B 288 -34.13 4.89 -30.43
CA GLU B 288 -34.84 6.15 -30.11
C GLU B 288 -34.08 7.41 -30.60
N LEU B 289 -32.75 7.37 -30.70
CA LEU B 289 -31.98 8.57 -31.06
C LEU B 289 -31.79 8.70 -32.57
N GLY B 290 -32.04 7.61 -33.29
CA GLY B 290 -31.79 7.54 -34.70
C GLY B 290 -30.33 7.34 -35.01
N ILE B 291 -29.66 6.41 -34.34
CA ILE B 291 -28.25 6.12 -34.62
C ILE B 291 -27.99 4.61 -34.63
N ASP B 292 -26.80 4.23 -35.07
CA ASP B 292 -26.39 2.82 -35.09
C ASP B 292 -26.01 2.39 -33.70
N ALA B 293 -26.58 1.27 -33.25
CA ALA B 293 -26.26 0.70 -31.98
C ALA B 293 -24.81 0.26 -32.03
N PRO B 294 -23.93 0.91 -31.24
CA PRO B 294 -22.55 0.47 -31.32
C PRO B 294 -22.37 -0.86 -30.60
N THR B 295 -21.28 -1.54 -30.95
CA THR B 295 -20.76 -2.68 -30.21
C THR B 295 -20.35 -2.19 -28.81
N VAL B 296 -20.86 -2.88 -27.79
CA VAL B 296 -20.49 -2.60 -26.43
C VAL B 296 -19.24 -3.36 -26.09
N LEU B 297 -18.24 -2.66 -25.56
CA LEU B 297 -17.04 -3.32 -25.01
C LEU B 297 -17.11 -3.21 -23.49
N VAL B 298 -16.53 -4.19 -22.81
CA VAL B 298 -16.48 -4.12 -21.35
C VAL B 298 -15.10 -4.44 -20.84
N GLU B 299 -14.85 -4.06 -19.59
CA GLU B 299 -13.50 -4.13 -19.01
C GLU B 299 -13.46 -4.69 -17.56
N PRO B 300 -13.99 -5.92 -17.36
CA PRO B 300 -13.90 -6.52 -16.04
C PRO B 300 -12.45 -6.84 -15.60
N GLY B 301 -12.10 -6.39 -14.40
CA GLY B 301 -10.91 -6.85 -13.72
C GLY B 301 -11.30 -7.74 -12.55
N ARG B 302 -11.81 -7.10 -11.52
CA ARG B 302 -12.26 -7.79 -10.33
C ARG B 302 -13.09 -9.04 -10.63
N ALA B 303 -14.09 -8.92 -11.52
CA ALA B 303 -15.07 -10.02 -11.74
C ALA B 303 -14.56 -11.20 -12.55
N ILE B 304 -13.37 -11.07 -13.13
CA ILE B 304 -12.69 -12.22 -13.71
C ILE B 304 -11.65 -12.82 -12.74
N ALA B 305 -10.74 -12.01 -12.25
CA ALA B 305 -9.62 -12.48 -11.46
C ALA B 305 -9.97 -12.73 -9.99
N GLY B 306 -10.93 -11.94 -9.48
CA GLY B 306 -11.19 -11.92 -8.04
C GLY B 306 -11.50 -13.26 -7.39
N PRO B 307 -12.60 -13.91 -7.81
CA PRO B 307 -13.05 -15.09 -7.10
C PRO B 307 -12.16 -16.30 -7.28
N SER B 308 -11.27 -16.26 -8.27
CA SER B 308 -10.47 -17.42 -8.60
C SER B 308 -9.38 -17.77 -7.63
N THR B 309 -9.16 -16.91 -6.64
CA THR B 309 -7.93 -16.96 -5.90
C THR B 309 -8.21 -16.77 -4.43
N VAL B 310 -7.47 -17.53 -3.62
CA VAL B 310 -7.46 -17.41 -2.20
C VAL B 310 -6.02 -17.21 -1.72
N THR B 311 -5.90 -16.77 -0.47
CA THR B 311 -4.61 -16.58 0.17
C THR B 311 -4.60 -17.40 1.42
N ILE B 312 -3.63 -18.28 1.55
CA ILE B 312 -3.45 -19.13 2.71
C ILE B 312 -2.37 -18.54 3.61
N TYR B 313 -2.69 -18.42 4.90
CA TYR B 313 -1.77 -18.05 5.94
C TYR B 313 -1.68 -19.18 6.93
N GLU B 314 -0.59 -19.18 7.71
CA GLU B 314 -0.49 -20.00 8.91
C GLU B 314 -0.74 -19.17 10.16
N VAL B 315 -1.59 -19.67 11.02
CA VAL B 315 -1.89 -18.99 12.26
C VAL B 315 -0.70 -19.09 13.18
N GLY B 316 -0.30 -17.97 13.78
CA GLY B 316 0.73 -17.91 14.78
C GLY B 316 0.13 -17.59 16.15
N THR B 317 0.34 -16.37 16.62
CA THR B 317 0.06 -16.02 18.00
C THR B 317 -1.43 -15.89 18.20
N THR B 318 -1.97 -16.30 19.35
CA THR B 318 -3.36 -15.97 19.64
C THR B 318 -3.46 -15.43 21.05
N LYS B 319 -4.32 -14.46 21.27
CA LYS B 319 -4.53 -13.99 22.62
C LYS B 319 -5.84 -13.31 22.83
N ASP B 320 -6.24 -13.31 24.10
CA ASP B 320 -7.44 -12.66 24.55
C ASP B 320 -7.03 -11.28 25.06
N VAL B 321 -7.38 -10.24 24.31
CA VAL B 321 -7.01 -8.87 24.59
C VAL B 321 -8.15 -8.19 25.33
N HIS B 322 -7.84 -7.66 26.51
CA HIS B 322 -8.84 -6.90 27.27
C HIS B 322 -9.17 -5.61 26.52
N VAL B 323 -10.45 -5.33 26.37
CA VAL B 323 -10.92 -4.05 25.79
C VAL B 323 -11.65 -3.22 26.87
N ASP B 324 -12.21 -3.88 27.88
CA ASP B 324 -12.68 -3.28 29.14
C ASP B 324 -12.33 -4.29 30.26
N ASP B 325 -12.96 -4.21 31.44
CA ASP B 325 -12.45 -4.90 32.65
C ASP B 325 -12.61 -6.42 32.64
N ASP B 326 -13.75 -6.95 32.22
CA ASP B 326 -13.78 -8.35 31.75
C ASP B 326 -14.63 -8.41 30.49
N LYS B 327 -14.15 -7.71 29.47
CA LYS B 327 -14.65 -7.84 28.10
C LYS B 327 -13.38 -8.01 27.24
N THR B 328 -13.24 -9.15 26.56
CA THR B 328 -12.07 -9.44 25.74
C THR B 328 -12.42 -9.64 24.28
N ARG B 329 -11.39 -9.65 23.43
CA ARG B 329 -11.52 -9.87 22.00
C ARG B 329 -10.35 -10.79 21.64
N ARG B 330 -10.63 -11.82 20.82
CA ARG B 330 -9.60 -12.77 20.48
C ARG B 330 -8.83 -12.24 19.27
N TYR B 331 -7.52 -12.10 19.38
CA TYR B 331 -6.68 -11.65 18.27
C TYR B 331 -5.94 -12.86 17.72
N ILE B 332 -6.04 -13.08 16.43
CA ILE B 332 -5.32 -14.18 15.79
C ILE B 332 -4.33 -13.53 14.88
N ALA B 333 -3.07 -13.83 15.07
CA ALA B 333 -2.01 -13.37 14.18
C ALA B 333 -1.78 -14.40 13.08
N VAL B 334 -1.66 -13.93 11.85
CA VAL B 334 -1.23 -14.71 10.73
C VAL B 334 0.10 -14.17 10.20
N ASP B 335 0.77 -14.96 9.40
CA ASP B 335 2.15 -14.69 9.00
C ASP B 335 2.34 -13.76 7.83
N GLY B 336 1.31 -13.12 7.35
CA GLY B 336 1.49 -12.09 6.31
C GLY B 336 0.95 -10.79 6.84
N GLY B 337 0.07 -10.15 6.08
CA GLY B 337 -0.60 -8.94 6.54
C GLY B 337 -0.80 -7.96 5.43
N MET B 338 -0.71 -6.66 5.77
CA MET B 338 -1.04 -5.56 4.88
C MET B 338 -0.05 -5.42 3.72
N SER B 339 1.13 -6.03 3.86
CA SER B 339 2.08 -6.19 2.76
C SER B 339 1.48 -7.03 1.65
N ASP B 340 0.76 -8.12 1.96
CA ASP B 340 0.16 -8.94 0.89
C ASP B 340 -1.33 -8.67 0.66
N ASN B 341 -1.99 -7.94 1.58
CA ASN B 341 -3.38 -7.48 1.37
C ASN B 341 -3.62 -6.13 2.09
N ILE B 342 -3.47 -5.05 1.33
CA ILE B 342 -3.54 -3.69 1.86
C ILE B 342 -4.99 -3.17 1.96
N ARG B 343 -5.94 -3.95 1.44
CA ARG B 343 -7.28 -3.46 1.15
C ARG B 343 -8.18 -3.21 2.35
N PRO B 344 -8.16 -4.12 3.35
CA PRO B 344 -8.91 -3.77 4.58
C PRO B 344 -8.44 -2.45 5.21
N ALA B 345 -7.12 -2.25 5.30
CA ALA B 345 -6.57 -0.96 5.77
C ALA B 345 -6.93 0.25 4.88
N LEU B 346 -6.77 0.11 3.58
CA LEU B 346 -6.92 1.25 2.63
C LEU B 346 -8.37 1.61 2.30
N TYR B 347 -9.25 0.61 2.15
CA TYR B 347 -10.67 0.85 1.78
C TYR B 347 -11.72 0.39 2.80
N GLY B 348 -11.35 -0.43 3.79
CA GLY B 348 -12.31 -0.94 4.76
C GLY B 348 -12.97 -2.24 4.30
N SER B 349 -12.35 -2.92 3.35
CA SER B 349 -12.96 -4.07 2.69
C SER B 349 -12.97 -5.29 3.58
N GLU B 350 -14.12 -5.98 3.61
CA GLU B 350 -14.35 -7.20 4.41
C GLU B 350 -14.19 -8.44 3.57
N TYR B 351 -13.60 -9.47 4.16
CA TYR B 351 -13.18 -10.67 3.50
C TYR B 351 -13.73 -11.80 4.34
N ASP B 352 -14.00 -12.92 3.69
CA ASP B 352 -14.41 -14.13 4.38
C ASP B 352 -13.14 -14.96 4.67
N ALA B 353 -13.06 -15.50 5.87
CA ALA B 353 -11.93 -16.31 6.26
C ALA B 353 -12.46 -17.63 6.74
N ARG B 354 -11.69 -18.69 6.46
CA ARG B 354 -12.03 -20.06 6.85
C ARG B 354 -10.76 -20.79 7.24
N VAL B 355 -10.85 -21.70 8.21
CA VAL B 355 -9.74 -22.68 8.44
C VAL B 355 -9.87 -23.81 7.41
N VAL B 356 -8.83 -24.00 6.62
CA VAL B 356 -8.90 -24.92 5.50
C VAL B 356 -8.10 -26.20 5.77
N SER B 357 -7.70 -26.41 7.02
CA SER B 357 -6.92 -27.55 7.42
C SER B 357 -7.78 -28.54 8.20
N ARG B 358 -8.92 -28.09 8.73
CA ARG B 358 -9.74 -28.89 9.60
C ARG B 358 -11.08 -28.21 9.88
N PHE B 359 -11.92 -28.94 10.62
CA PHE B 359 -13.13 -28.41 11.20
C PHE B 359 -12.82 -27.81 12.57
N ALA B 360 -13.40 -26.66 12.88
CA ALA B 360 -13.36 -26.10 14.23
C ALA B 360 -14.49 -26.66 15.11
N GLU B 361 -14.20 -26.86 16.39
CA GLU B 361 -15.19 -27.30 17.39
C GLU B 361 -15.42 -26.29 18.52
N GLY B 362 -14.66 -25.20 18.53
CA GLY B 362 -14.62 -24.28 19.66
C GLY B 362 -15.87 -23.41 19.73
N ASP B 363 -16.14 -22.88 20.92
CA ASP B 363 -17.28 -21.97 21.14
C ASP B 363 -17.00 -20.66 20.44
N PRO B 364 -17.98 -20.14 19.72
CA PRO B 364 -17.69 -18.95 18.93
C PRO B 364 -17.55 -17.66 19.78
N VAL B 365 -16.50 -16.85 19.52
CA VAL B 365 -16.15 -15.60 20.26
C VAL B 365 -15.75 -14.46 19.35
N SER B 366 -15.84 -13.24 19.84
CA SER B 366 -15.41 -12.06 19.06
C SER B 366 -13.90 -12.06 18.75
N THR B 367 -13.60 -12.09 17.47
CA THR B 367 -12.28 -12.33 16.95
C THR B 367 -11.86 -11.20 15.97
N ARG B 368 -10.56 -10.91 15.99
CA ARG B 368 -9.94 -10.05 15.03
C ARG B 368 -8.71 -10.76 14.45
N ILE B 369 -8.57 -10.77 13.12
CA ILE B 369 -7.41 -11.38 12.52
C ILE B 369 -6.44 -10.24 12.22
N VAL B 370 -5.23 -10.36 12.74
CA VAL B 370 -4.18 -9.36 12.48
C VAL B 370 -2.95 -9.97 11.82
N GLY B 371 -2.21 -9.12 11.12
CA GLY B 371 -0.98 -9.57 10.47
C GLY B 371 0.19 -9.58 11.42
N SER B 372 1.37 -9.66 10.83
CA SER B 372 2.64 -9.75 11.55
C SER B 372 3.48 -8.45 11.55
N HIS B 373 2.97 -7.34 10.99
CA HIS B 373 3.71 -6.06 10.91
C HIS B 373 3.66 -5.25 12.20
N CYS B 374 4.68 -4.43 12.48
CA CYS B 374 4.64 -3.61 13.70
C CYS B 374 4.01 -2.22 13.43
N GLU B 375 2.72 -2.25 13.12
CA GLU B 375 1.80 -1.20 13.38
C GLU B 375 0.42 -1.79 13.69
N SER B 376 -0.36 -1.09 14.51
CA SER B 376 -1.81 -1.28 14.57
C SER B 376 -2.34 -0.75 13.25
N GLY B 377 -3.43 -1.33 12.79
CA GLY B 377 -3.93 -1.03 11.45
C GLY B 377 -3.59 -2.16 10.49
N ASP B 378 -2.61 -2.98 10.85
CA ASP B 378 -2.32 -4.17 10.10
C ASP B 378 -3.35 -5.22 10.50
N ILE B 379 -4.56 -5.03 9.99
CA ILE B 379 -5.72 -5.78 10.38
C ILE B 379 -6.30 -6.33 9.12
N LEU B 380 -6.55 -7.64 9.06
CA LEU B 380 -7.16 -8.27 7.87
C LEU B 380 -8.65 -8.43 7.97
N ILE B 381 -9.12 -8.86 9.13
CA ILE B 381 -10.53 -9.01 9.41
C ILE B 381 -10.78 -8.29 10.72
N ASN B 382 -11.67 -7.30 10.67
CA ASN B 382 -11.86 -6.39 11.79
C ASN B 382 -12.68 -6.91 12.94
N ASP B 383 -13.81 -7.56 12.67
CA ASP B 383 -14.77 -7.89 13.75
C ASP B 383 -15.77 -8.99 13.35
N GLU B 384 -15.48 -10.20 13.79
CA GLU B 384 -16.28 -11.36 13.45
C GLU B 384 -16.38 -12.30 14.64
N ILE B 385 -17.30 -13.26 14.52
CA ILE B 385 -17.54 -14.25 15.54
C ILE B 385 -17.10 -15.58 14.96
N TYR B 386 -15.92 -16.03 15.40
CA TYR B 386 -15.32 -17.26 14.90
C TYR B 386 -15.07 -18.21 16.05
N PRO B 387 -15.05 -19.54 15.78
CA PRO B 387 -14.67 -20.55 16.79
C PRO B 387 -13.39 -20.22 17.56
N SER B 388 -13.42 -20.45 18.87
CA SER B 388 -12.33 -20.09 19.78
C SER B 388 -11.25 -21.13 19.94
N ASP B 389 -11.27 -22.20 19.16
CA ASP B 389 -10.15 -23.13 19.11
C ASP B 389 -9.31 -22.96 17.88
N ILE B 390 -9.49 -21.88 17.11
CA ILE B 390 -8.52 -21.61 16.02
C ILE B 390 -7.19 -21.38 16.71
N THR B 391 -6.14 -21.99 16.20
CA THR B 391 -4.90 -22.00 16.97
C THR B 391 -3.65 -22.18 16.15
N SER B 392 -2.54 -21.97 16.79
CA SER B 392 -1.25 -22.01 16.17
C SER B 392 -1.03 -23.25 15.33
N GLY B 393 -0.63 -23.06 14.06
CA GLY B 393 -0.39 -24.18 13.14
C GLY B 393 -1.52 -24.53 12.17
N ASP B 394 -2.73 -24.09 12.47
CA ASP B 394 -3.86 -24.11 11.53
C ASP B 394 -3.51 -23.29 10.34
N PHE B 395 -4.05 -23.70 9.19
CA PHE B 395 -4.03 -22.84 7.99
C PHE B 395 -5.39 -22.20 7.79
N LEU B 396 -5.35 -20.91 7.54
CA LEU B 396 -6.50 -20.05 7.50
C LEU B 396 -6.40 -19.38 6.14
N ALA B 397 -7.47 -19.32 5.37
CA ALA B 397 -7.44 -18.65 4.09
C ALA B 397 -8.52 -17.61 4.01
N LEU B 398 -8.22 -16.56 3.27
CA LEU B 398 -9.20 -15.55 2.88
C LEU B 398 -9.60 -15.79 1.43
N ALA B 399 -10.85 -15.52 1.10
CA ALA B 399 -11.36 -15.76 -0.25
C ALA B 399 -11.31 -14.50 -1.05
N ALA B 400 -11.31 -14.64 -2.36
CA ALA B 400 -11.45 -13.53 -3.25
C ALA B 400 -10.28 -12.52 -3.25
N THR B 401 -9.07 -13.03 -3.05
CA THR B 401 -7.86 -12.23 -3.02
C THR B 401 -7.16 -12.15 -4.38
N GLY B 402 -7.80 -12.65 -5.42
CA GLY B 402 -7.21 -12.64 -6.76
C GLY B 402 -7.16 -11.30 -7.45
N ALA B 403 -7.91 -10.31 -6.96
CA ALA B 403 -7.87 -8.98 -7.53
C ALA B 403 -7.27 -7.93 -6.58
N TYR B 404 -6.44 -7.05 -7.12
CA TYR B 404 -5.80 -5.97 -6.36
C TYR B 404 -4.76 -6.39 -5.28
N CYS B 405 -5.05 -7.37 -4.43
CA CYS B 405 -4.12 -7.80 -3.39
C CYS B 405 -2.65 -8.00 -3.82
N TYR B 406 -2.37 -8.96 -4.68
CA TYR B 406 -0.98 -9.18 -5.04
C TYR B 406 -0.38 -7.92 -5.68
N ALA B 407 -1.19 -7.26 -6.51
CA ALA B 407 -0.70 -6.11 -7.30
C ALA B 407 -0.39 -4.89 -6.44
N MET B 408 -1.03 -4.80 -5.27
CA MET B 408 -0.77 -3.71 -4.33
C MET B 408 0.20 -4.09 -3.19
N SER B 409 0.81 -5.28 -3.25
CA SER B 409 1.70 -5.74 -2.22
C SER B 409 3.00 -4.90 -2.10
N SER B 410 3.48 -4.79 -0.86
CA SER B 410 4.62 -3.96 -0.48
C SER B 410 5.67 -4.78 0.22
N ARG B 411 6.81 -4.15 0.48
CA ARG B 411 7.91 -4.79 1.21
C ARG B 411 8.06 -4.21 2.61
N TYR B 412 6.98 -3.64 3.14
CA TYR B 412 6.96 -3.09 4.50
C TYR B 412 7.54 -4.10 5.48
N ASN B 413 8.34 -3.58 6.41
CA ASN B 413 9.16 -4.37 7.35
C ASN B 413 10.07 -5.38 6.65
N ALA B 414 10.41 -5.10 5.39
CA ALA B 414 11.17 -6.02 4.52
C ALA B 414 10.53 -7.42 4.27
N PHE B 415 9.22 -7.55 4.36
CA PHE B 415 8.55 -8.80 3.97
C PHE B 415 8.65 -9.07 2.47
N THR B 416 8.69 -10.36 2.13
CA THR B 416 8.90 -10.74 0.77
C THR B 416 7.54 -10.93 0.17
N ARG B 417 7.35 -10.46 -1.03
CA ARG B 417 6.12 -10.74 -1.78
C ARG B 417 5.88 -12.28 -1.84
N PRO B 418 4.65 -12.72 -1.52
CA PRO B 418 4.31 -14.16 -1.57
C PRO B 418 4.38 -14.81 -2.95
N ALA B 419 4.43 -16.14 -2.93
CA ALA B 419 4.41 -16.95 -4.14
C ALA B 419 3.00 -17.02 -4.66
N VAL B 420 2.86 -17.11 -5.98
CA VAL B 420 1.58 -17.39 -6.60
C VAL B 420 1.73 -18.76 -7.26
N VAL B 421 0.86 -19.68 -6.88
CA VAL B 421 0.75 -21.05 -7.43
C VAL B 421 -0.64 -21.13 -8.07
N SER B 422 -0.75 -21.81 -9.20
CA SER B 422 -2.03 -22.04 -9.89
C SER B 422 -2.38 -23.51 -9.83
N VAL B 423 -3.68 -23.81 -9.83
CA VAL B 423 -4.14 -25.19 -9.75
C VAL B 423 -5.13 -25.54 -10.85
N ARG B 424 -5.06 -26.78 -11.31
CA ARG B 424 -5.93 -27.31 -12.36
C ARG B 424 -5.84 -28.82 -12.35
N ALA B 425 -6.97 -29.50 -12.55
CA ALA B 425 -7.01 -30.97 -12.75
C ALA B 425 -6.11 -31.71 -11.79
N GLY B 426 -6.19 -31.38 -10.51
CA GLY B 426 -5.45 -32.08 -9.49
C GLY B 426 -3.98 -31.82 -9.40
N SER B 427 -3.41 -30.90 -10.21
CA SER B 427 -1.98 -30.49 -10.00
C SER B 427 -1.76 -28.96 -9.87
N SER B 428 -0.58 -28.63 -9.37
CA SER B 428 -0.21 -27.28 -9.02
C SER B 428 1.03 -26.85 -9.83
N ARG B 429 0.96 -25.69 -10.47
CA ARG B 429 2.06 -25.11 -11.22
C ARG B 429 2.48 -23.81 -10.54
N LEU B 430 3.75 -23.65 -10.20
CA LEU B 430 4.25 -22.36 -9.74
C LEU B 430 4.16 -21.29 -10.82
N MET B 431 3.44 -20.20 -10.52
CA MET B 431 3.32 -19.06 -11.42
C MET B 431 4.35 -17.95 -11.09
N LEU B 432 4.46 -17.63 -9.79
CA LEU B 432 5.41 -16.66 -9.27
C LEU B 432 6.13 -17.21 -8.05
N ARG B 433 7.46 -17.24 -8.11
CA ARG B 433 8.22 -17.62 -6.95
C ARG B 433 8.12 -16.53 -5.90
N ARG B 434 8.30 -16.99 -4.68
CA ARG B 434 8.44 -16.18 -3.52
C ARG B 434 9.67 -15.31 -3.61
N GLU B 435 9.52 -14.05 -3.22
CA GLU B 435 10.66 -13.13 -3.15
C GLU B 435 11.59 -13.63 -2.06
N THR B 436 12.87 -13.29 -2.18
CA THR B 436 13.86 -13.66 -1.18
C THR B 436 14.52 -12.42 -0.61
N LEU B 437 15.20 -12.61 0.51
CA LEU B 437 15.99 -11.53 1.08
C LEU B 437 17.04 -11.08 0.06
N ASP B 438 17.53 -12.00 -0.79
CA ASP B 438 18.47 -11.68 -1.84
C ASP B 438 17.89 -10.74 -2.85
N ASP B 439 16.59 -10.85 -3.15
CA ASP B 439 15.93 -9.90 -4.06
C ASP B 439 16.01 -8.51 -3.48
N ILE B 440 15.61 -8.40 -2.22
CA ILE B 440 15.64 -7.13 -1.54
C ILE B 440 17.06 -6.56 -1.59
N LEU B 441 18.04 -7.34 -1.16
CA LEU B 441 19.39 -6.83 -1.03
C LEU B 441 20.01 -6.50 -2.38
N SER B 442 19.54 -7.10 -3.48
CA SER B 442 20.15 -6.86 -4.82
C SER B 442 19.97 -5.45 -5.38
N LEU B 443 19.06 -4.67 -4.82
CA LEU B 443 18.89 -3.26 -5.23
C LEU B 443 19.99 -2.34 -4.73
N GLU B 444 20.81 -2.83 -3.82
CA GLU B 444 21.91 -2.09 -3.23
C GLU B 444 23.32 -2.28 -3.92
N ALA B 445 23.50 -3.33 -4.74
CA ALA B 445 24.79 -3.71 -5.40
C ALA B 445 25.50 -2.62 -6.22
#